data_8VIX
#
_entry.id   8VIX
#
_cell.length_a   1.00
_cell.length_b   1.00
_cell.length_c   1.00
_cell.angle_alpha   90.00
_cell.angle_beta   90.00
_cell.angle_gamma   90.00
#
_symmetry.space_group_name_H-M   'P 1'
#
loop_
_entity.id
_entity.type
_entity.pdbx_description
1 polymer 'Vanadium-dependent bromoperoxidase'
2 non-polymer 'VANADATE ION'
3 non-polymer 'PEROXIDE ION'
4 non-polymer 'CALCIUM ION'
5 water water
#
_entity_poly.entity_id   1
_entity_poly.type   'polypeptide(L)'
_entity_poly.pdbx_seq_one_letter_code
;MGSSHHHHHHSSGLVPRGSHMASMTGGQQMGRGSEFMGIPADNLQSRAKASFDTRVAAAELALNRGVVPSFANGEELLYR
NPDPDNTDPSFIASFTKGLPHDDNGAIIDPDDFLAFVRAINSGDEKEIADLTLGPARDPETGLPIWRSDLANSLELEVRG
WENSSAGLTFDLEGPDAQSIAMPPAPVLTSPELVAEIAELYLMALGREIEFSEFDSPKNAEYIQFAIDQLNGLEWFNTPA
KLGDPPAEIRRRRGEVTVGNLFRGILPGSEVGPYLSQYIIVGSKQIGSATVGNKTLVSPNAADEFDGEIAYGSITISQRV
RIATPGRDFMTDLKVFLDVQDAADFRGFESYEPGARLIRTIRDLATWVHFDALYEAYLNACLILLANGVPFDPNLPFQQE
DKLDNQDVFVNFGSAHVLSLVTEVATRALKAVRYQKFNIHRRLRPEATGGLISVNKIAPQKGESIFPEVDLAVEELGDIL
EKAEISNRKQNIADGDPDPDPSFLLPMAFAEGSPFHPSYGSGHAVVAGACVTILKAFFDSGIEIDQVFEVDKDEDKLVKS
SFKGTLTVAGELNKLADNIAIGRNMAGVHYFSDQFESLLLGEQVAIGILEEQSLTYGENFFFNLPKFDGTTIQI
;
_entity_poly.pdbx_strand_id   A,B
#
loop_
_chem_comp.id
_chem_comp.type
_chem_comp.name
_chem_comp.formula
CA non-polymer 'CALCIUM ION' 'Ca 2'
PER non-polymer 'PEROXIDE ION' 'O2 -2'
VO4 non-polymer 'VANADATE ION' 'O4 V -3'
#
# COMPACT_ATOMS: atom_id res chain seq x y z
N GLN A 45 -17.83 27.44 14.67
CA GLN A 45 -18.28 26.38 15.54
C GLN A 45 -17.12 25.55 16.08
N SER A 46 -17.44 24.53 16.86
CA SER A 46 -16.40 23.68 17.45
C SER A 46 -15.76 22.81 16.38
N ARG A 47 -14.44 22.61 16.52
CA ARG A 47 -13.73 21.74 15.59
C ARG A 47 -14.20 20.30 15.71
N ALA A 48 -14.40 19.81 16.93
CA ALA A 48 -14.91 18.46 17.12
C ALA A 48 -16.32 18.33 16.57
N LYS A 49 -17.16 19.33 16.82
CA LYS A 49 -18.52 19.32 16.27
C LYS A 49 -18.48 19.43 14.75
N ALA A 50 -17.56 20.23 14.20
CA ALA A 50 -17.43 20.31 12.76
C ALA A 50 -16.99 18.98 12.16
N SER A 51 -16.07 18.28 12.83
CA SER A 51 -15.66 16.96 12.36
C SER A 51 -16.82 15.98 12.40
N PHE A 52 -17.59 16.00 13.49
CA PHE A 52 -18.77 15.15 13.57
C PHE A 52 -19.76 15.47 12.47
N ASP A 53 -19.99 16.76 12.20
CA ASP A 53 -20.92 17.16 11.15
C ASP A 53 -20.41 16.77 9.77
N THR A 54 -19.08 16.86 9.55
CA THR A 54 -18.52 16.42 8.27
C THR A 54 -18.71 14.92 8.07
N ARG A 55 -18.44 14.13 9.10
CA ARG A 55 -18.64 12.69 8.99
C ARG A 55 -20.12 12.35 8.80
N VAL A 56 -21.00 13.03 9.52
CA VAL A 56 -22.43 12.79 9.38
C VAL A 56 -22.91 13.23 8.00
N ALA A 57 -22.33 14.31 7.46
CA ALA A 57 -22.68 14.74 6.12
C ALA A 57 -22.21 13.75 5.08
N ALA A 58 -21.03 13.15 5.26
CA ALA A 58 -20.58 12.12 4.34
C ALA A 58 -21.48 10.89 4.41
N ALA A 59 -21.88 10.51 5.63
CA ALA A 59 -22.84 9.41 5.77
C ALA A 59 -24.17 9.77 5.13
N GLU A 60 -24.60 11.02 5.26
CA GLU A 60 -25.85 11.48 4.65
C GLU A 60 -25.75 11.44 3.13
N LEU A 61 -24.59 11.80 2.59
CA LEU A 61 -24.37 11.69 1.15
C LEU A 61 -24.43 10.23 0.69
N ALA A 62 -23.82 9.32 1.45
CA ALA A 62 -23.88 7.91 1.13
C ALA A 62 -25.31 7.39 1.20
N LEU A 63 -26.07 7.84 2.20
CA LEU A 63 -27.46 7.40 2.36
C LEU A 63 -28.34 7.96 1.25
N ASN A 64 -28.08 9.20 0.82
CA ASN A 64 -28.90 9.85 -0.19
C ASN A 64 -28.60 9.35 -1.59
N ARG A 65 -27.45 8.70 -1.81
CA ARG A 65 -27.21 8.02 -3.08
C ARG A 65 -28.22 6.90 -3.31
N GLY A 66 -28.87 6.44 -2.25
CA GLY A 66 -29.87 5.40 -2.37
C GLY A 66 -29.24 4.03 -2.48
N VAL A 67 -30.10 3.02 -2.44
CA VAL A 67 -29.68 1.63 -2.60
C VAL A 67 -30.16 1.18 -3.96
N VAL A 68 -29.23 0.89 -4.86
CA VAL A 68 -29.58 0.23 -6.11
C VAL A 68 -29.87 -1.23 -5.76
N PRO A 69 -31.08 -1.71 -6.01
CA PRO A 69 -31.40 -3.10 -5.65
C PRO A 69 -30.57 -4.07 -6.48
N SER A 70 -30.07 -5.11 -5.81
CA SER A 70 -29.22 -6.10 -6.46
C SER A 70 -30.07 -7.30 -6.86
N PHE A 71 -30.16 -7.57 -8.16
CA PHE A 71 -30.96 -8.64 -8.69
C PHE A 71 -30.05 -9.79 -9.13
N ALA A 72 -30.39 -11.00 -8.70
CA ALA A 72 -29.76 -12.18 -9.24
C ALA A 72 -30.42 -12.59 -10.55
N ASN A 73 -29.82 -13.56 -11.22
CA ASN A 73 -30.33 -14.03 -12.51
C ASN A 73 -31.40 -15.10 -12.38
N GLY A 74 -31.73 -15.52 -11.16
CA GLY A 74 -32.73 -16.53 -10.94
C GLY A 74 -32.26 -17.96 -11.11
N GLU A 75 -30.96 -18.18 -11.34
CA GLU A 75 -30.44 -19.51 -11.56
C GLU A 75 -30.45 -20.36 -10.29
N GLU A 76 -30.45 -19.72 -9.12
CA GLU A 76 -30.32 -20.45 -7.86
C GLU A 76 -31.43 -21.49 -7.69
N LEU A 77 -32.67 -21.09 -7.98
CA LEU A 77 -33.82 -21.97 -7.79
C LEU A 77 -34.44 -22.45 -9.09
N LEU A 78 -34.01 -21.94 -10.24
CA LEU A 78 -34.60 -22.37 -11.49
C LEU A 78 -34.12 -23.76 -11.91
N TYR A 79 -32.84 -24.06 -11.68
CA TYR A 79 -32.31 -25.36 -12.04
C TYR A 79 -32.63 -26.37 -10.93
N ARG A 80 -33.22 -27.49 -11.30
CA ARG A 80 -33.76 -28.44 -10.36
C ARG A 80 -32.98 -29.75 -10.41
N ASN A 81 -33.15 -30.53 -9.35
CA ASN A 81 -32.53 -31.85 -9.28
C ASN A 81 -33.06 -32.71 -10.43
N PRO A 82 -32.20 -33.36 -11.21
CA PRO A 82 -32.68 -34.18 -12.33
C PRO A 82 -33.53 -35.37 -11.90
N ASP A 83 -33.46 -35.79 -10.64
CA ASP A 83 -34.22 -36.93 -10.16
C ASP A 83 -35.71 -36.65 -10.32
N PRO A 84 -36.47 -37.53 -10.99
CA PRO A 84 -37.90 -37.23 -11.23
C PRO A 84 -38.72 -37.02 -9.97
N ASP A 85 -38.42 -37.74 -8.89
CA ASP A 85 -39.17 -37.60 -7.65
C ASP A 85 -38.58 -36.55 -6.71
N ASN A 86 -37.45 -35.94 -7.07
CA ASN A 86 -36.84 -34.90 -6.27
C ASN A 86 -37.06 -33.55 -6.96
N THR A 87 -37.79 -32.67 -6.29
CA THR A 87 -38.10 -31.35 -6.82
C THR A 87 -37.19 -30.26 -6.27
N ASP A 88 -36.19 -30.61 -5.46
CA ASP A 88 -35.32 -29.61 -4.87
C ASP A 88 -34.43 -28.98 -5.94
N PRO A 89 -34.01 -27.73 -5.75
CA PRO A 89 -33.08 -27.12 -6.71
C PRO A 89 -31.75 -27.86 -6.74
N SER A 90 -31.17 -27.95 -7.94
CA SER A 90 -29.86 -28.58 -8.09
C SER A 90 -28.74 -27.66 -7.62
N PHE A 91 -28.94 -26.34 -7.69
CA PHE A 91 -27.94 -25.35 -7.30
C PHE A 91 -26.66 -25.48 -8.12
N ILE A 92 -26.76 -26.04 -9.33
CA ILE A 92 -25.58 -26.27 -10.14
C ILE A 92 -24.98 -24.95 -10.62
N ALA A 93 -25.81 -23.97 -10.93
CA ALA A 93 -25.32 -22.66 -11.32
C ALA A 93 -24.96 -21.79 -10.12
N SER A 94 -25.26 -22.24 -8.92
CA SER A 94 -24.93 -21.50 -7.72
C SER A 94 -23.53 -21.88 -7.24
N PHE A 95 -22.84 -20.93 -6.64
CA PHE A 95 -21.57 -21.22 -6.02
C PHE A 95 -21.81 -22.19 -4.87
N THR A 96 -21.44 -23.45 -5.05
CA THR A 96 -21.65 -24.49 -4.07
C THR A 96 -20.34 -25.08 -3.58
N LYS A 97 -19.23 -24.42 -3.86
CA LYS A 97 -17.91 -24.93 -3.50
C LYS A 97 -17.81 -25.11 -1.98
N GLY A 98 -17.28 -26.25 -1.56
CA GLY A 98 -17.12 -26.55 -0.15
C GLY A 98 -18.22 -27.45 0.39
N LEU A 99 -19.44 -27.24 -0.09
CA LEU A 99 -20.52 -28.14 0.24
C LEU A 99 -20.27 -29.49 -0.41
N PRO A 100 -20.65 -30.58 0.26
CA PRO A 100 -20.38 -31.91 -0.31
C PRO A 100 -21.06 -32.07 -1.65
N HIS A 101 -20.29 -32.59 -2.61
CA HIS A 101 -20.76 -32.77 -3.98
C HIS A 101 -20.84 -34.25 -4.30
N ASP A 102 -21.78 -34.60 -5.16
CA ASP A 102 -21.87 -35.96 -5.68
C ASP A 102 -20.81 -36.13 -6.77
N ASP A 103 -20.85 -37.27 -7.47
CA ASP A 103 -19.83 -37.57 -8.46
C ASP A 103 -19.93 -36.72 -9.71
N ASN A 104 -21.01 -35.95 -9.88
CA ASN A 104 -21.26 -35.19 -11.09
C ASN A 104 -21.00 -33.70 -10.95
N GLY A 105 -20.62 -33.23 -9.76
CA GLY A 105 -20.36 -31.81 -9.55
C GLY A 105 -21.48 -31.04 -8.90
N ALA A 106 -22.65 -31.65 -8.71
CA ALA A 106 -23.72 -31.04 -7.96
C ALA A 106 -23.64 -31.46 -6.50
N ILE A 107 -24.27 -30.68 -5.63
CA ILE A 107 -24.22 -30.97 -4.21
C ILE A 107 -25.20 -32.08 -3.88
N ILE A 108 -24.82 -32.92 -2.92
CA ILE A 108 -25.69 -34.00 -2.46
C ILE A 108 -26.94 -33.44 -1.81
N ASP A 109 -26.77 -32.45 -0.94
CA ASP A 109 -27.86 -31.90 -0.14
C ASP A 109 -28.12 -30.46 -0.50
N PRO A 110 -29.23 -30.14 -1.17
CA PRO A 110 -29.57 -28.72 -1.41
C PRO A 110 -29.74 -27.94 -0.12
N ASP A 111 -30.16 -28.62 0.96
CA ASP A 111 -30.23 -27.97 2.26
C ASP A 111 -28.86 -27.48 2.72
N ASP A 112 -27.79 -28.16 2.30
CA ASP A 112 -26.45 -27.74 2.69
C ASP A 112 -26.12 -26.38 2.11
N PHE A 113 -26.63 -26.10 0.90
CA PHE A 113 -26.48 -24.78 0.31
C PHE A 113 -27.42 -23.78 0.95
N LEU A 114 -28.61 -24.22 1.35
CA LEU A 114 -29.57 -23.31 1.98
C LEU A 114 -29.04 -22.80 3.32
N ALA A 115 -28.45 -23.69 4.12
CA ALA A 115 -27.81 -23.26 5.35
C ALA A 115 -26.64 -22.33 5.06
N PHE A 116 -25.91 -22.59 3.97
CA PHE A 116 -24.80 -21.72 3.60
C PHE A 116 -25.28 -20.32 3.26
N VAL A 117 -26.40 -20.22 2.54
CA VAL A 117 -26.98 -18.91 2.23
C VAL A 117 -27.49 -18.22 3.50
N ARG A 118 -28.11 -18.99 4.39
CA ARG A 118 -28.58 -18.42 5.66
C ARG A 118 -27.42 -17.87 6.48
N ALA A 119 -26.31 -18.61 6.53
CA ALA A 119 -25.13 -18.12 7.23
C ALA A 119 -24.51 -16.91 6.55
N ILE A 120 -24.58 -16.86 5.22
CA ILE A 120 -24.13 -15.67 4.49
C ILE A 120 -24.94 -14.46 4.93
N ASN A 121 -26.27 -14.60 4.96
CA ASN A 121 -27.12 -13.46 5.25
C ASN A 121 -27.09 -13.06 6.72
N SER A 122 -26.84 -14.03 7.62
CA SER A 122 -26.82 -13.72 9.04
C SER A 122 -25.46 -13.17 9.47
N GLY A 123 -24.38 -13.78 9.00
CA GLY A 123 -23.05 -13.40 9.39
C GLY A 123 -22.56 -13.99 10.68
N ASP A 124 -23.40 -14.74 11.40
CA ASP A 124 -23.03 -15.28 12.69
C ASP A 124 -21.90 -16.28 12.55
N GLU A 125 -20.88 -16.13 13.42
CA GLU A 125 -19.73 -17.03 13.37
C GLU A 125 -20.13 -18.47 13.67
N LYS A 126 -21.05 -18.66 14.62
CA LYS A 126 -21.51 -20.00 14.95
C LYS A 126 -22.24 -20.65 13.78
N GLU A 127 -23.08 -19.88 13.08
CA GLU A 127 -23.82 -20.44 11.95
C GLU A 127 -22.89 -20.77 10.79
N ILE A 128 -21.83 -19.98 10.61
CA ILE A 128 -20.82 -20.31 9.61
C ILE A 128 -20.08 -21.57 10.01
N ALA A 129 -19.71 -21.67 11.28
CA ALA A 129 -19.00 -22.85 11.76
C ALA A 129 -19.88 -24.10 11.73
N ASP A 130 -21.19 -23.93 11.99
CA ASP A 130 -22.10 -25.06 11.94
C ASP A 130 -22.35 -25.56 10.52
N LEU A 131 -21.97 -24.79 9.51
CA LEU A 131 -22.08 -25.26 8.13
C LEU A 131 -21.19 -26.48 7.92
N THR A 132 -21.66 -27.39 7.08
CA THR A 132 -20.87 -28.54 6.69
C THR A 132 -19.92 -28.12 5.57
N LEU A 133 -18.63 -28.15 5.86
CA LEU A 133 -17.60 -27.77 4.90
C LEU A 133 -16.80 -29.00 4.54
N GLY A 134 -16.75 -29.32 3.25
CA GLY A 134 -16.02 -30.47 2.78
C GLY A 134 -16.84 -31.74 2.77
N PRO A 135 -16.22 -32.85 2.37
CA PRO A 135 -16.94 -34.12 2.31
C PRO A 135 -17.00 -34.81 3.66
N ALA A 136 -17.49 -36.05 3.68
CA ALA A 136 -17.47 -36.84 4.89
C ALA A 136 -16.03 -37.02 5.37
N ARG A 137 -15.87 -37.10 6.70
CA ARG A 137 -14.56 -37.14 7.32
C ARG A 137 -14.28 -38.51 7.90
N ASP A 138 -13.01 -38.92 7.84
CA ASP A 138 -12.61 -40.19 8.42
C ASP A 138 -12.75 -40.14 9.93
N PRO A 139 -13.46 -41.08 10.55
CA PRO A 139 -13.57 -41.06 12.02
C PRO A 139 -12.24 -41.21 12.74
N GLU A 140 -11.28 -41.94 12.15
CA GLU A 140 -10.01 -42.18 12.83
C GLU A 140 -9.12 -40.95 12.79
N THR A 141 -8.73 -40.52 11.59
CA THR A 141 -7.79 -39.41 11.45
C THR A 141 -8.45 -38.04 11.58
N GLY A 142 -9.79 -37.98 11.49
CA GLY A 142 -10.49 -36.72 11.52
C GLY A 142 -10.48 -35.96 10.22
N LEU A 143 -9.72 -36.42 9.22
CA LEU A 143 -9.53 -35.81 7.92
C LEU A 143 -10.64 -36.22 6.96
N PRO A 144 -11.07 -35.32 6.09
CA PRO A 144 -12.13 -35.66 5.13
C PRO A 144 -11.65 -36.66 4.09
N ILE A 145 -12.55 -37.54 3.68
CA ILE A 145 -12.24 -38.50 2.63
C ILE A 145 -12.36 -37.80 1.29
N TRP A 146 -11.25 -37.70 0.58
CA TRP A 146 -11.19 -37.03 -0.71
C TRP A 146 -11.41 -38.04 -1.84
N ARG A 147 -12.04 -37.57 -2.91
CA ARG A 147 -12.28 -38.44 -4.06
C ARG A 147 -10.99 -38.74 -4.79
N SER A 148 -10.08 -37.77 -4.88
CA SER A 148 -8.83 -37.94 -5.60
C SER A 148 -7.76 -38.50 -4.67
N ASP A 149 -6.93 -39.39 -5.23
CA ASP A 149 -5.81 -39.94 -4.46
C ASP A 149 -4.81 -38.85 -4.10
N LEU A 150 -4.72 -37.80 -4.91
CA LEU A 150 -3.78 -36.71 -4.63
C LEU A 150 -4.14 -36.02 -3.32
N ALA A 151 -5.41 -35.60 -3.18
CA ALA A 151 -5.83 -34.89 -1.97
C ALA A 151 -5.82 -35.80 -0.75
N ASN A 152 -6.07 -37.10 -0.94
CA ASN A 152 -6.00 -38.03 0.18
C ASN A 152 -4.57 -38.27 0.63
N SER A 153 -3.63 -38.36 -0.32
CA SER A 153 -2.24 -38.58 0.03
C SER A 153 -1.62 -37.35 0.69
N LEU A 154 -2.07 -36.16 0.28
CA LEU A 154 -1.63 -34.93 0.92
C LEU A 154 -2.25 -34.74 2.29
N GLU A 155 -3.21 -35.57 2.68
CA GLU A 155 -3.98 -35.39 3.92
C GLU A 155 -4.56 -33.98 3.97
N LEU A 156 -5.08 -33.53 2.83
CA LEU A 156 -5.59 -32.18 2.71
C LEU A 156 -6.77 -31.95 3.64
N GLU A 157 -6.75 -30.82 4.34
CA GLU A 157 -7.90 -30.39 5.10
C GLU A 157 -8.78 -29.49 4.26
N VAL A 158 -9.98 -29.21 4.77
CA VAL A 158 -10.89 -28.34 4.05
C VAL A 158 -10.43 -26.89 4.17
N ARG A 159 -10.78 -26.09 3.18
CA ARG A 159 -10.60 -24.65 3.23
C ARG A 159 -11.96 -23.98 3.35
N GLY A 160 -12.00 -22.88 4.08
CA GLY A 160 -13.23 -22.23 4.44
C GLY A 160 -13.56 -21.07 3.53
N TRP A 161 -14.84 -20.73 3.49
CA TRP A 161 -15.27 -19.61 2.66
C TRP A 161 -14.62 -18.32 3.12
N GLU A 162 -14.09 -17.55 2.18
CA GLU A 162 -13.36 -16.34 2.50
C GLU A 162 -14.35 -15.20 2.69
N ASN A 163 -14.64 -14.91 3.95
CA ASN A 163 -15.49 -13.78 4.34
C ASN A 163 -16.85 -13.85 3.63
N SER A 164 -17.55 -14.95 3.91
CA SER A 164 -18.88 -15.16 3.33
C SER A 164 -19.87 -14.10 3.78
N SER A 165 -19.57 -13.37 4.86
CA SER A 165 -20.45 -12.33 5.36
C SER A 165 -19.76 -10.97 5.41
N ALA A 166 -18.70 -10.79 4.64
CA ALA A 166 -18.08 -9.47 4.54
C ALA A 166 -19.00 -8.46 3.86
N GLY A 167 -19.97 -8.92 3.08
CA GLY A 167 -20.95 -8.03 2.50
C GLY A 167 -21.85 -7.38 3.53
N LEU A 168 -21.97 -7.98 4.71
CA LEU A 168 -22.72 -7.37 5.81
C LEU A 168 -21.88 -6.38 6.59
N THR A 169 -20.58 -6.31 6.33
CA THR A 169 -19.73 -5.34 7.02
C THR A 169 -20.08 -3.94 6.56
N PHE A 170 -20.27 -3.05 7.52
CA PHE A 170 -20.59 -1.67 7.20
C PHE A 170 -19.32 -0.92 6.79
N ASP A 171 -19.52 0.22 6.14
CA ASP A 171 -18.41 0.95 5.54
C ASP A 171 -18.45 2.38 6.09
N LEU A 172 -17.44 2.75 6.86
CA LEU A 172 -17.38 4.11 7.39
C LEU A 172 -17.17 5.15 6.30
N GLU A 173 -16.66 4.74 5.14
CA GLU A 173 -16.42 5.66 4.03
C GLU A 173 -16.98 5.05 2.75
N GLY A 174 -17.53 5.91 1.90
CA GLY A 174 -18.01 5.49 0.60
C GLY A 174 -19.32 4.74 0.68
N PRO A 175 -19.75 4.19 -0.46
CA PRO A 175 -21.03 3.48 -0.50
C PRO A 175 -21.00 2.25 0.41
N ASP A 176 -22.15 1.96 1.00
CA ASP A 176 -22.31 0.72 1.74
C ASP A 176 -22.16 -0.46 0.78
N ALA A 177 -21.68 -1.59 1.31
CA ALA A 177 -21.49 -2.77 0.49
C ALA A 177 -22.78 -3.19 -0.22
N GLN A 178 -23.93 -2.93 0.40
CA GLN A 178 -25.22 -3.31 -0.16
C GLN A 178 -25.97 -2.14 -0.78
N SER A 179 -25.34 -0.97 -0.88
CA SER A 179 -26.01 0.18 -1.49
C SER A 179 -25.91 0.16 -3.01
N ILE A 180 -24.93 -0.55 -3.55
CA ILE A 180 -24.71 -0.61 -4.98
C ILE A 180 -24.94 -2.04 -5.45
N ALA A 181 -25.30 -2.17 -6.72
CA ALA A 181 -25.76 -3.43 -7.28
C ALA A 181 -24.98 -3.79 -8.53
N MET A 182 -24.53 -5.01 -8.58
CA MET A 182 -24.22 -5.34 -9.96
C MET A 182 -25.43 -5.96 -10.65
N PRO A 183 -25.49 -5.89 -11.97
CA PRO A 183 -26.62 -6.51 -12.69
C PRO A 183 -26.63 -8.01 -12.50
N PRO A 184 -27.70 -8.69 -12.90
CA PRO A 184 -27.71 -10.15 -12.83
C PRO A 184 -26.58 -10.75 -13.64
N ALA A 185 -25.99 -11.81 -13.11
CA ALA A 185 -24.96 -12.53 -13.82
C ALA A 185 -25.57 -13.26 -15.02
N PRO A 186 -24.78 -13.55 -16.04
CA PRO A 186 -25.29 -14.36 -17.15
C PRO A 186 -25.71 -15.73 -16.65
N VAL A 187 -26.77 -16.26 -17.26
CA VAL A 187 -27.26 -17.58 -16.88
C VAL A 187 -26.52 -18.64 -17.69
N LEU A 188 -26.56 -19.88 -17.20
CA LEU A 188 -25.82 -20.96 -17.86
C LEU A 188 -26.29 -21.17 -19.29
N THR A 189 -27.60 -21.09 -19.52
CA THR A 189 -28.14 -21.28 -20.86
C THR A 189 -27.96 -20.05 -21.74
N SER A 190 -27.49 -18.94 -21.20
CA SER A 190 -27.32 -17.74 -22.00
C SER A 190 -26.13 -17.88 -22.95
N PRO A 191 -26.20 -17.27 -24.13
CA PRO A 191 -25.01 -17.21 -25.00
C PRO A 191 -23.86 -16.46 -24.36
N GLU A 192 -24.14 -15.55 -23.43
CA GLU A 192 -23.08 -14.86 -22.72
C GLU A 192 -22.22 -15.82 -21.90
N LEU A 193 -22.86 -16.75 -21.19
CA LEU A 193 -22.10 -17.73 -20.43
C LEU A 193 -21.27 -18.60 -21.36
N VAL A 194 -21.82 -18.96 -22.52
CA VAL A 194 -21.06 -19.76 -23.48
C VAL A 194 -19.84 -18.99 -23.97
N ALA A 195 -20.01 -17.70 -24.27
CA ALA A 195 -18.88 -16.89 -24.71
C ALA A 195 -17.84 -16.74 -23.61
N GLU A 196 -18.28 -16.51 -22.38
CA GLU A 196 -17.34 -16.38 -21.27
C GLU A 196 -16.57 -17.67 -21.06
N ILE A 197 -17.25 -18.81 -21.12
CA ILE A 197 -16.60 -20.10 -20.93
C ILE A 197 -15.65 -20.41 -22.08
N ALA A 198 -16.02 -20.04 -23.31
CA ALA A 198 -15.11 -20.18 -24.42
C ALA A 198 -13.85 -19.34 -24.21
N GLU A 199 -14.03 -18.10 -23.76
CA GLU A 199 -12.90 -17.24 -23.46
C GLU A 199 -12.02 -17.86 -22.39
N LEU A 200 -12.62 -18.41 -21.33
CA LEU A 200 -11.88 -19.02 -20.24
C LEU A 200 -11.10 -20.24 -20.73
N TYR A 201 -11.74 -21.10 -21.51
CA TYR A 201 -11.10 -22.31 -22.01
C TYR A 201 -9.96 -21.96 -22.97
N LEU A 202 -10.17 -20.95 -23.81
CA LEU A 202 -9.11 -20.53 -24.72
C LEU A 202 -7.94 -19.92 -23.96
N MET A 203 -8.21 -19.16 -22.90
CA MET A 203 -7.13 -18.62 -22.08
C MET A 203 -6.36 -19.76 -21.41
N ALA A 204 -7.08 -20.77 -20.91
CA ALA A 204 -6.42 -21.90 -20.29
C ALA A 204 -5.55 -22.66 -21.29
N LEU A 205 -6.07 -22.86 -22.51
CA LEU A 205 -5.29 -23.50 -23.56
C LEU A 205 -4.17 -22.60 -24.08
N GLY A 206 -4.31 -21.29 -23.91
CA GLY A 206 -3.30 -20.36 -24.39
C GLY A 206 -2.46 -19.74 -23.29
N ARG A 207 -2.34 -20.42 -22.16
CA ARG A 207 -1.65 -19.84 -21.00
C ARG A 207 -0.17 -19.63 -21.27
N GLU A 208 0.47 -20.52 -22.03
CA GLU A 208 1.90 -20.44 -22.28
C GLU A 208 2.23 -19.53 -23.45
N ILE A 209 1.23 -18.87 -24.02
CA ILE A 209 1.42 -18.00 -25.18
C ILE A 209 1.67 -16.57 -24.69
N GLU A 210 2.75 -15.98 -25.18
CA GLU A 210 3.18 -14.68 -24.68
C GLU A 210 2.39 -13.54 -25.32
N PHE A 211 2.12 -12.51 -24.51
CA PHE A 211 1.32 -11.39 -24.96
C PHE A 211 1.97 -10.67 -26.13
N SER A 212 3.30 -10.54 -26.10
CA SER A 212 4.01 -9.85 -27.17
C SER A 212 3.94 -10.61 -28.49
N GLU A 213 3.55 -11.88 -28.47
CA GLU A 213 3.44 -12.69 -29.69
C GLU A 213 2.00 -13.12 -29.93
N PHE A 214 1.05 -12.24 -29.62
CA PHE A 214 -0.35 -12.53 -29.96
C PHE A 214 -0.56 -12.58 -31.47
N ASP A 215 0.09 -11.67 -32.20
CA ASP A 215 -0.02 -11.64 -33.65
C ASP A 215 1.11 -12.39 -34.34
N SER A 216 2.01 -13.02 -33.59
CA SER A 216 3.16 -13.68 -34.20
C SER A 216 2.72 -14.98 -34.89
N PRO A 217 3.37 -15.34 -36.00
CA PRO A 217 3.05 -16.62 -36.67
C PRO A 217 3.19 -17.84 -35.78
N LYS A 218 4.09 -17.80 -34.79
CA LYS A 218 4.31 -18.96 -33.93
C LYS A 218 3.04 -19.34 -33.17
N ASN A 219 2.29 -18.34 -32.71
CA ASN A 219 1.02 -18.57 -32.04
C ASN A 219 -0.18 -18.37 -32.97
N ALA A 220 0.06 -18.17 -34.26
CA ALA A 220 -1.00 -17.81 -35.18
C ALA A 220 -2.08 -18.89 -35.24
N GLU A 221 -1.69 -20.16 -35.15
CA GLU A 221 -2.68 -21.22 -35.18
C GLU A 221 -3.65 -21.13 -34.02
N TYR A 222 -3.26 -21.03 -32.73
CA TYR A 222 -4.06 -20.87 -31.48
C TYR A 222 -4.72 -19.50 -31.46
N ILE A 223 -4.11 -18.50 -31.99
CA ILE A 223 -4.78 -17.20 -31.95
C ILE A 223 -5.93 -17.16 -32.95
N GLN A 224 -5.70 -17.67 -34.16
CA GLN A 224 -6.77 -17.72 -35.15
C GLN A 224 -7.86 -18.70 -34.73
N PHE A 225 -7.48 -19.81 -34.10
CA PHE A 225 -8.48 -20.73 -33.54
C PHE A 225 -9.40 -19.99 -32.58
N ALA A 226 -8.80 -19.30 -31.60
CA ALA A 226 -9.57 -18.61 -30.59
C ALA A 226 -10.44 -17.52 -31.20
N ILE A 227 -9.90 -16.76 -32.16
CA ILE A 227 -10.67 -15.73 -32.82
C ILE A 227 -11.85 -16.34 -33.57
N ASP A 228 -11.63 -17.45 -34.27
CA ASP A 228 -12.69 -18.07 -35.04
C ASP A 228 -13.82 -18.60 -34.16
N GLN A 229 -13.47 -19.30 -33.07
CA GLN A 229 -14.53 -19.81 -32.20
C GLN A 229 -15.24 -18.70 -31.44
N LEU A 230 -14.50 -17.71 -30.91
CA LEU A 230 -15.16 -16.60 -30.24
C LEU A 230 -16.09 -15.87 -31.19
N ASN A 231 -15.64 -15.61 -32.41
CA ASN A 231 -16.49 -14.99 -33.42
C ASN A 231 -17.53 -15.96 -33.97
N GLY A 232 -17.42 -17.25 -33.68
CA GLY A 232 -18.46 -18.21 -33.97
C GLY A 232 -19.56 -18.28 -32.92
N LEU A 233 -19.42 -17.52 -31.83
CA LEU A 233 -20.43 -17.46 -30.78
C LEU A 233 -21.32 -16.26 -31.00
N GLU A 234 -22.63 -16.47 -30.88
CA GLU A 234 -23.58 -15.39 -31.14
C GLU A 234 -23.43 -14.23 -30.16
N TRP A 235 -22.78 -14.45 -29.01
CA TRP A 235 -22.50 -13.33 -28.13
C TRP A 235 -21.55 -12.32 -28.77
N PHE A 236 -20.53 -12.81 -29.47
CA PHE A 236 -19.55 -11.94 -30.09
C PHE A 236 -19.97 -11.50 -31.49
N ASN A 237 -20.44 -12.43 -32.33
CA ASN A 237 -20.75 -12.07 -33.70
C ASN A 237 -22.07 -11.31 -33.81
N THR A 238 -23.04 -11.64 -32.96
CA THR A 238 -24.33 -10.95 -33.02
C THR A 238 -24.39 -9.86 -31.97
N PRO A 239 -24.78 -8.64 -32.32
CA PRO A 239 -24.84 -7.55 -31.34
C PRO A 239 -26.04 -7.70 -30.43
N ALA A 240 -26.03 -6.90 -29.36
CA ALA A 240 -27.15 -6.89 -28.43
C ALA A 240 -28.40 -6.35 -29.11
N LYS A 241 -29.53 -7.01 -28.85
CA LYS A 241 -30.80 -6.59 -29.43
C LYS A 241 -31.43 -5.50 -28.56
N LEU A 242 -32.30 -4.71 -29.19
CA LEU A 242 -33.04 -3.69 -28.46
C LEU A 242 -33.96 -4.36 -27.44
N GLY A 243 -34.01 -3.79 -26.24
CA GLY A 243 -34.72 -4.38 -25.13
C GLY A 243 -33.87 -5.26 -24.23
N ASP A 244 -32.63 -5.54 -24.63
CA ASP A 244 -31.71 -6.27 -23.78
C ASP A 244 -31.30 -5.40 -22.60
N PRO A 245 -30.89 -6.00 -21.49
CA PRO A 245 -30.50 -5.22 -20.31
C PRO A 245 -29.38 -4.26 -20.65
N PRO A 246 -29.41 -3.04 -20.11
CA PRO A 246 -28.35 -2.07 -20.43
C PRO A 246 -26.96 -2.56 -20.11
N ALA A 247 -26.79 -3.30 -19.01
CA ALA A 247 -25.49 -3.86 -18.69
C ALA A 247 -25.10 -4.95 -19.69
N GLU A 248 -26.07 -5.72 -20.16
CA GLU A 248 -25.82 -6.68 -21.23
C GLU A 248 -25.32 -5.98 -22.49
N ILE A 249 -25.93 -4.85 -22.84
CA ILE A 249 -25.45 -4.09 -23.99
C ILE A 249 -24.06 -3.55 -23.73
N ARG A 250 -23.80 -3.06 -22.51
CA ARG A 250 -22.52 -2.44 -22.20
C ARG A 250 -21.37 -3.44 -22.23
N ARG A 251 -21.58 -4.64 -21.69
CA ARG A 251 -20.49 -5.60 -21.55
C ARG A 251 -20.37 -6.54 -22.74
N ARG A 252 -21.16 -6.33 -23.79
CA ARG A 252 -21.08 -7.19 -24.97
C ARG A 252 -19.91 -6.78 -25.85
N ARG A 253 -19.04 -7.74 -26.15
CA ARG A 253 -17.91 -7.51 -27.02
C ARG A 253 -18.29 -7.84 -28.46
N GLY A 254 -17.80 -7.02 -29.39
CA GLY A 254 -18.08 -7.25 -30.80
C GLY A 254 -17.22 -8.35 -31.39
N GLU A 255 -16.81 -8.17 -32.65
CA GLU A 255 -15.97 -9.16 -33.30
C GLU A 255 -14.62 -9.26 -32.58
N VAL A 256 -14.21 -10.49 -32.29
CA VAL A 256 -12.94 -10.73 -31.62
C VAL A 256 -11.82 -10.71 -32.64
N THR A 257 -10.85 -9.83 -32.45
CA THR A 257 -9.67 -9.74 -33.29
C THR A 257 -8.44 -10.00 -32.44
N VAL A 258 -7.28 -10.10 -33.11
CA VAL A 258 -6.03 -10.28 -32.38
C VAL A 258 -5.73 -9.04 -31.53
N GLY A 259 -6.18 -7.86 -31.97
CA GLY A 259 -5.94 -6.65 -31.23
C GLY A 259 -6.76 -6.51 -29.96
N ASN A 260 -7.91 -7.18 -29.89
CA ASN A 260 -8.75 -7.15 -28.70
C ASN A 260 -8.95 -8.52 -28.08
N LEU A 261 -8.21 -9.53 -28.52
CA LEU A 261 -8.37 -10.87 -27.97
C LEU A 261 -7.92 -10.89 -26.51
N PHE A 262 -8.78 -11.39 -25.64
CA PHE A 262 -8.53 -11.47 -24.21
C PHE A 262 -8.31 -10.09 -23.60
N ARG A 263 -8.85 -9.06 -24.24
CA ARG A 263 -8.76 -7.70 -23.76
C ARG A 263 -10.10 -7.24 -23.21
N GLY A 264 -10.07 -6.18 -22.41
CA GLY A 264 -11.27 -5.62 -21.84
C GLY A 264 -11.92 -4.61 -22.77
N ILE A 265 -12.98 -4.00 -22.26
CA ILE A 265 -13.72 -2.97 -22.99
C ILE A 265 -13.56 -1.60 -22.34
N LEU A 266 -12.69 -1.48 -21.35
CA LEU A 266 -12.39 -0.17 -20.79
C LEU A 266 -11.67 0.69 -21.83
N PRO A 267 -11.94 2.00 -21.85
CA PRO A 267 -11.25 2.87 -22.81
C PRO A 267 -9.75 2.90 -22.56
N GLY A 268 -8.99 2.60 -23.61
CA GLY A 268 -7.55 2.52 -23.53
C GLY A 268 -7.01 1.14 -23.19
N SER A 269 -7.88 0.20 -22.82
CA SER A 269 -7.44 -1.17 -22.58
C SER A 269 -7.18 -1.92 -23.89
N GLU A 270 -7.90 -1.57 -24.94
CA GLU A 270 -7.74 -2.19 -26.25
C GLU A 270 -6.78 -1.43 -27.15
N VAL A 271 -6.21 -0.33 -26.68
CA VAL A 271 -5.34 0.53 -27.48
C VAL A 271 -3.93 0.37 -26.95
N GLY A 272 -3.01 -0.06 -27.82
CA GLY A 272 -1.63 -0.25 -27.44
C GLY A 272 -1.31 -1.70 -27.16
N PRO A 273 -0.17 -1.95 -26.51
CA PRO A 273 0.19 -3.32 -26.13
C PRO A 273 -0.83 -3.91 -25.17
N TYR A 274 -0.82 -5.24 -25.07
CA TYR A 274 -1.79 -5.91 -24.21
C TYR A 274 -1.59 -5.53 -22.75
N LEU A 275 -0.38 -5.65 -22.24
CA LEU A 275 -0.11 -5.36 -20.85
C LEU A 275 0.03 -3.86 -20.65
N SER A 276 -0.51 -3.37 -19.55
CA SER A 276 -0.34 -1.98 -19.19
C SER A 276 1.14 -1.69 -18.94
N GLN A 277 1.54 -0.45 -19.20
CA GLN A 277 2.89 -0.03 -18.86
C GLN A 277 3.16 -0.25 -17.38
N TYR A 278 2.19 0.11 -16.53
CA TYR A 278 2.38 0.06 -15.08
C TYR A 278 2.49 -1.36 -14.54
N ILE A 279 2.19 -2.37 -15.36
CA ILE A 279 2.31 -3.74 -14.88
C ILE A 279 3.67 -4.35 -15.23
N ILE A 280 4.40 -3.77 -16.18
CA ILE A 280 5.69 -4.29 -16.62
C ILE A 280 6.81 -3.28 -16.44
N VAL A 281 6.58 -2.01 -16.80
CA VAL A 281 7.67 -1.04 -16.78
C VAL A 281 7.93 -0.60 -15.35
N GLY A 282 9.15 -0.14 -15.12
CA GLY A 282 9.52 0.39 -13.82
C GLY A 282 9.09 1.84 -13.68
N SER A 283 9.97 2.66 -13.13
CA SER A 283 9.68 4.06 -12.90
C SER A 283 10.99 4.81 -12.79
N LYS A 284 10.89 6.14 -12.84
CA LYS A 284 12.05 6.98 -12.55
C LYS A 284 12.65 6.57 -11.21
N GLN A 285 13.94 6.28 -11.22
CA GLN A 285 14.60 5.79 -10.03
C GLN A 285 15.16 6.95 -9.20
N ILE A 286 15.55 6.62 -7.97
CA ILE A 286 16.06 7.63 -7.05
C ILE A 286 17.34 8.23 -7.61
N GLY A 287 17.38 9.55 -7.71
CA GLY A 287 18.50 10.26 -8.28
C GLY A 287 18.26 10.84 -9.66
N SER A 288 17.17 10.46 -10.33
CA SER A 288 16.86 10.95 -11.67
C SER A 288 15.98 12.18 -11.65
N ALA A 289 16.03 12.97 -10.58
CA ALA A 289 15.21 14.17 -10.47
C ALA A 289 15.89 15.35 -11.15
N THR A 290 15.13 16.42 -11.34
CA THR A 290 15.63 17.67 -11.88
C THR A 290 15.74 18.69 -10.75
N VAL A 291 16.90 19.33 -10.64
CA VAL A 291 17.18 20.30 -9.59
C VAL A 291 17.46 21.63 -10.27
N GLY A 292 16.43 22.47 -10.35
CA GLY A 292 16.57 23.73 -11.05
C GLY A 292 16.82 23.48 -12.53
N ASN A 293 17.91 24.02 -13.05
CA ASN A 293 18.28 23.81 -14.44
C ASN A 293 19.13 22.57 -14.66
N LYS A 294 19.57 21.91 -13.59
CA LYS A 294 20.43 20.75 -13.70
C LYS A 294 19.58 19.48 -13.60
N THR A 295 19.77 18.58 -14.54
CA THR A 295 19.06 17.30 -14.58
C THR A 295 20.03 16.20 -14.20
N LEU A 296 19.97 15.76 -12.95
CA LEU A 296 20.74 14.62 -12.51
C LEU A 296 20.07 13.32 -12.94
N VAL A 297 20.88 12.39 -13.43
CA VAL A 297 20.42 11.08 -13.86
C VAL A 297 20.71 10.07 -12.76
N SER A 298 19.74 9.25 -12.43
CA SER A 298 19.95 8.21 -11.44
C SER A 298 21.02 7.24 -11.94
N PRO A 299 21.95 6.82 -11.08
CA PRO A 299 22.87 5.74 -11.46
C PRO A 299 22.16 4.43 -11.75
N ASN A 300 20.92 4.27 -11.28
CA ASN A 300 20.12 3.09 -11.52
C ASN A 300 18.98 3.38 -12.49
N ALA A 301 19.17 4.37 -13.37
CA ALA A 301 18.09 4.81 -14.25
C ALA A 301 17.64 3.69 -15.19
N ALA A 302 18.52 2.75 -15.53
CA ALA A 302 18.13 1.62 -16.36
C ALA A 302 17.14 0.70 -15.67
N ASP A 303 17.02 0.79 -14.35
CA ASP A 303 16.07 -0.04 -13.63
C ASP A 303 14.63 0.30 -13.99
N GLU A 304 14.38 1.52 -14.48
CA GLU A 304 13.06 1.86 -15.00
C GLU A 304 12.69 0.97 -16.18
N PHE A 305 13.62 0.77 -17.10
CA PHE A 305 13.42 -0.08 -18.26
C PHE A 305 13.70 -1.54 -17.98
N ASP A 306 14.18 -1.86 -16.78
CA ASP A 306 14.30 -3.23 -16.31
C ASP A 306 13.13 -3.64 -15.41
N GLY A 307 12.04 -2.88 -15.43
CA GLY A 307 10.87 -3.20 -14.63
C GLY A 307 11.06 -3.08 -13.13
N GLU A 308 11.78 -2.06 -12.68
CA GLU A 308 11.96 -1.81 -11.25
C GLU A 308 11.31 -0.48 -10.91
N ILE A 309 10.37 -0.51 -9.99
CA ILE A 309 9.65 0.68 -9.55
C ILE A 309 10.39 1.29 -8.37
N ALA A 310 10.55 2.61 -8.40
CA ALA A 310 11.15 3.29 -7.26
C ALA A 310 10.15 3.27 -6.11
N TYR A 311 10.29 2.26 -5.24
CA TYR A 311 9.39 2.07 -4.12
C TYR A 311 10.01 2.77 -2.91
N GLY A 312 9.81 4.08 -2.87
CA GLY A 312 10.58 4.89 -1.92
C GLY A 312 12.05 4.80 -2.27
N SER A 313 12.86 4.44 -1.28
CA SER A 313 14.28 4.25 -1.50
C SER A 313 14.65 2.82 -1.85
N ILE A 314 13.67 1.91 -1.86
CA ILE A 314 13.89 0.54 -2.28
C ILE A 314 13.12 0.30 -3.57
N THR A 315 13.19 -0.91 -4.10
CA THR A 315 12.66 -1.19 -5.42
C THR A 315 11.57 -2.26 -5.35
N ILE A 316 10.52 -2.04 -6.11
CA ILE A 316 9.55 -3.09 -6.42
C ILE A 316 9.92 -3.64 -7.80
N SER A 317 10.15 -4.95 -7.86
CA SER A 317 10.45 -5.61 -9.12
C SER A 317 9.14 -6.02 -9.78
N GLN A 318 8.93 -5.57 -11.02
CA GLN A 318 7.74 -5.95 -11.77
C GLN A 318 7.76 -7.40 -12.20
N ARG A 319 8.89 -8.10 -12.05
CA ARG A 319 9.02 -9.46 -12.54
C ARG A 319 8.18 -10.42 -11.69
N VAL A 320 7.34 -11.20 -12.35
CA VAL A 320 6.41 -12.10 -11.70
C VAL A 320 7.08 -13.44 -11.48
N ARG A 321 6.68 -14.13 -10.41
CA ARG A 321 7.12 -15.50 -10.21
C ARG A 321 6.64 -16.38 -11.36
N ILE A 322 7.54 -17.20 -11.87
CA ILE A 322 7.26 -17.99 -13.07
C ILE A 322 6.61 -19.29 -12.63
N ALA A 323 5.29 -19.38 -12.80
CA ALA A 323 4.60 -20.64 -12.58
C ALA A 323 5.04 -21.65 -13.63
N THR A 324 5.03 -22.92 -13.24
CA THR A 324 5.45 -23.99 -14.12
C THR A 324 4.63 -23.96 -15.41
N PRO A 325 5.26 -23.69 -16.56
CA PRO A 325 4.49 -23.60 -17.81
C PRO A 325 3.86 -24.93 -18.16
N GLY A 326 2.65 -24.86 -18.72
CA GLY A 326 1.94 -26.04 -19.15
C GLY A 326 1.36 -26.88 -18.04
N ARG A 327 1.53 -26.48 -16.78
CA ARG A 327 0.98 -27.21 -15.65
C ARG A 327 -0.32 -26.53 -15.24
N ASP A 328 -1.43 -27.15 -15.63
CA ASP A 328 -2.74 -26.71 -15.19
C ASP A 328 -3.22 -27.58 -14.04
N PHE A 329 -4.36 -27.22 -13.48
CA PHE A 329 -4.86 -27.86 -12.28
C PHE A 329 -6.34 -28.15 -12.41
N MET A 330 -6.81 -29.11 -11.60
CA MET A 330 -8.20 -29.55 -11.59
C MET A 330 -8.65 -30.01 -12.97
N THR A 331 -7.73 -30.56 -13.75
CA THR A 331 -8.07 -31.15 -15.03
C THR A 331 -8.57 -32.58 -14.90
N ASP A 332 -8.53 -33.14 -13.69
CA ASP A 332 -9.05 -34.46 -13.40
C ASP A 332 -10.30 -34.31 -12.55
N LEU A 333 -11.33 -35.12 -12.84
CA LEU A 333 -12.63 -34.94 -12.20
C LEU A 333 -12.55 -35.14 -10.70
N LYS A 334 -11.73 -36.10 -10.24
CA LYS A 334 -11.65 -36.36 -8.81
C LYS A 334 -11.00 -35.20 -8.06
N VAL A 335 -9.91 -34.65 -8.60
CA VAL A 335 -9.28 -33.50 -7.98
C VAL A 335 -10.21 -32.30 -8.04
N PHE A 336 -10.90 -32.12 -9.17
CA PHE A 336 -11.85 -31.02 -9.30
C PHE A 336 -12.95 -31.12 -8.26
N LEU A 337 -13.49 -32.33 -8.05
CA LEU A 337 -14.56 -32.51 -7.07
C LEU A 337 -14.05 -32.32 -5.64
N ASP A 338 -12.81 -32.74 -5.37
CA ASP A 338 -12.22 -32.46 -4.06
C ASP A 338 -12.10 -30.96 -3.83
N VAL A 339 -11.68 -30.22 -4.86
CA VAL A 339 -11.59 -28.77 -4.75
C VAL A 339 -12.98 -28.17 -4.54
N GLN A 340 -13.98 -28.68 -5.27
CA GLN A 340 -15.36 -28.25 -5.04
C GLN A 340 -15.82 -28.60 -3.63
N ASP A 341 -15.26 -29.67 -3.06
CA ASP A 341 -15.48 -30.02 -1.66
C ASP A 341 -14.46 -29.39 -0.73
N ALA A 342 -13.87 -28.26 -1.13
CA ALA A 342 -13.04 -27.40 -0.29
C ALA A 342 -11.67 -27.99 0.01
N ALA A 343 -11.16 -28.91 -0.82
CA ALA A 343 -9.80 -29.39 -0.61
C ALA A 343 -8.82 -28.23 -0.73
N ASP A 344 -8.11 -27.96 0.36
CA ASP A 344 -7.18 -26.84 0.38
C ASP A 344 -5.94 -27.16 -0.45
N PHE A 345 -5.96 -26.76 -1.72
CA PHE A 345 -4.84 -26.93 -2.62
C PHE A 345 -4.01 -25.66 -2.76
N ARG A 346 -4.19 -24.71 -1.85
CA ARG A 346 -3.41 -23.48 -1.88
C ARG A 346 -1.93 -23.78 -1.68
N GLY A 347 -1.09 -23.15 -2.50
CA GLY A 347 0.34 -23.35 -2.44
C GLY A 347 0.84 -24.60 -3.13
N PHE A 348 -0.05 -25.40 -3.70
CA PHE A 348 0.33 -26.63 -4.40
C PHE A 348 0.95 -26.35 -5.77
N GLU A 349 0.84 -25.13 -6.27
CA GLU A 349 1.45 -24.78 -7.55
C GLU A 349 2.96 -24.79 -7.43
N SER A 350 3.62 -25.29 -8.47
CA SER A 350 5.08 -25.28 -8.57
C SER A 350 5.52 -24.11 -9.44
N TYR A 351 6.73 -23.63 -9.18
CA TYR A 351 7.22 -22.42 -9.83
C TYR A 351 8.64 -22.62 -10.33
N GLU A 352 8.93 -21.98 -11.46
CA GLU A 352 10.28 -21.96 -11.98
C GLU A 352 11.14 -20.99 -11.16
N PRO A 353 12.44 -21.26 -11.02
CA PRO A 353 13.30 -20.34 -10.27
C PRO A 353 13.37 -18.98 -10.94
N GLY A 354 13.55 -17.95 -10.12
CA GLY A 354 13.66 -16.60 -10.61
C GLY A 354 12.33 -15.97 -10.89
N ALA A 355 12.40 -14.79 -11.52
CA ALA A 355 11.22 -14.02 -11.86
C ALA A 355 11.46 -13.31 -13.18
N ARG A 356 10.39 -13.15 -13.96
CA ARG A 356 10.46 -12.49 -15.24
C ARG A 356 9.29 -11.52 -15.35
N LEU A 357 9.46 -10.51 -16.21
CA LEU A 357 8.34 -9.65 -16.55
C LEU A 357 7.25 -10.47 -17.22
N ILE A 358 6.00 -10.06 -16.99
CA ILE A 358 4.86 -10.81 -17.50
C ILE A 358 4.98 -10.94 -19.01
N ARG A 359 5.16 -12.16 -19.48
CA ARG A 359 5.14 -12.43 -20.92
C ARG A 359 4.00 -13.34 -21.32
N THR A 360 3.85 -14.48 -20.65
CA THR A 360 2.80 -15.42 -21.00
C THR A 360 1.50 -15.06 -20.31
N ILE A 361 0.41 -15.64 -20.82
CA ILE A 361 -0.89 -15.52 -20.18
C ILE A 361 -0.84 -16.11 -18.77
N ARG A 362 -0.14 -17.23 -18.62
CA ARG A 362 0.05 -17.83 -17.30
C ARG A 362 0.81 -16.89 -16.37
N ASP A 363 1.68 -16.04 -16.92
CA ASP A 363 2.37 -15.07 -16.08
C ASP A 363 1.40 -14.04 -15.50
N LEU A 364 0.46 -13.57 -16.31
CA LEU A 364 -0.57 -12.66 -15.79
C LEU A 364 -1.46 -13.36 -14.77
N ALA A 365 -1.80 -14.63 -15.03
CA ALA A 365 -2.57 -15.40 -14.05
C ALA A 365 -1.82 -15.54 -12.73
N THR A 366 -0.51 -15.83 -12.80
CA THR A 366 0.30 -15.91 -11.60
C THR A 366 0.36 -14.56 -10.89
N TRP A 367 0.50 -13.48 -11.65
CA TRP A 367 0.52 -12.14 -11.07
C TRP A 367 -0.75 -11.88 -10.27
N VAL A 368 -1.91 -12.18 -10.86
CA VAL A 368 -3.17 -11.94 -10.16
C VAL A 368 -3.49 -13.02 -9.13
N HIS A 369 -2.69 -14.09 -9.07
CA HIS A 369 -2.88 -15.11 -8.04
C HIS A 369 -2.66 -14.54 -6.64
N PHE A 370 -1.54 -13.86 -6.43
CA PHE A 370 -1.12 -13.48 -5.09
C PHE A 370 -1.11 -11.99 -4.84
N ASP A 371 -1.53 -11.18 -5.82
CA ASP A 371 -1.38 -9.74 -5.71
C ASP A 371 -2.01 -9.22 -4.42
N ALA A 372 -1.27 -8.36 -3.73
CA ALA A 372 -1.64 -7.90 -2.39
C ALA A 372 -2.73 -6.84 -2.50
N LEU A 373 -3.92 -7.32 -2.86
CA LEU A 373 -5.14 -6.50 -2.85
C LEU A 373 -5.05 -5.35 -3.85
N TYR A 374 -4.36 -4.28 -3.46
CA TYR A 374 -4.20 -3.09 -4.29
C TYR A 374 -2.84 -3.01 -4.95
N GLU A 375 -2.08 -4.11 -4.95
CA GLU A 375 -0.67 -4.05 -5.29
C GLU A 375 -0.45 -3.56 -6.72
N ALA A 376 -1.28 -4.00 -7.67
CA ALA A 376 -1.15 -3.51 -9.03
C ALA A 376 -1.28 -1.99 -9.09
N TYR A 377 -2.23 -1.45 -8.35
CA TYR A 377 -2.60 -0.05 -8.49
C TYR A 377 -1.80 0.81 -7.54
N LEU A 378 -1.36 0.24 -6.42
CA LEU A 378 -0.33 0.88 -5.62
C LEU A 378 0.97 1.00 -6.42
N ASN A 379 1.30 -0.04 -7.20
CA ASN A 379 2.49 0.01 -8.04
C ASN A 379 2.33 1.02 -9.17
N ALA A 380 1.16 1.06 -9.79
CA ALA A 380 0.89 2.08 -10.81
C ALA A 380 1.01 3.48 -10.21
N CYS A 381 0.48 3.67 -9.00
CA CYS A 381 0.60 4.94 -8.31
C CYS A 381 2.06 5.28 -8.05
N LEU A 382 2.85 4.30 -7.60
CA LEU A 382 4.27 4.53 -7.36
C LEU A 382 5.00 4.90 -8.64
N ILE A 383 4.65 4.26 -9.75
CA ILE A 383 5.26 4.60 -11.03
C ILE A 383 4.90 6.04 -11.41
N LEU A 384 3.62 6.40 -11.28
CA LEU A 384 3.19 7.75 -11.63
C LEU A 384 3.84 8.79 -10.73
N LEU A 385 4.02 8.47 -9.45
CA LEU A 385 4.68 9.39 -8.53
C LEU A 385 6.15 9.55 -8.86
N ALA A 386 6.84 8.42 -9.07
CA ALA A 386 8.26 8.46 -9.41
C ALA A 386 8.48 9.12 -10.76
N ASN A 387 7.67 8.76 -11.76
CA ASN A 387 7.77 9.37 -13.08
C ASN A 387 7.37 10.84 -13.07
N GLY A 388 6.96 11.37 -11.92
CA GLY A 388 6.53 12.76 -11.86
C GLY A 388 5.29 13.03 -12.68
N VAL A 389 4.42 12.05 -12.82
CA VAL A 389 3.17 12.24 -13.54
C VAL A 389 2.34 13.23 -12.72
N PRO A 390 1.94 14.37 -13.29
CA PRO A 390 1.25 15.38 -12.50
C PRO A 390 -0.08 14.85 -11.97
N PHE A 391 -0.44 15.33 -10.79
CA PHE A 391 -1.76 15.02 -10.25
C PHE A 391 -2.81 15.74 -11.10
N ASP A 392 -4.08 15.52 -10.75
CA ASP A 392 -5.14 16.21 -11.45
C ASP A 392 -4.92 17.71 -11.36
N PRO A 393 -4.87 18.43 -12.49
CA PRO A 393 -4.58 19.87 -12.44
C PRO A 393 -5.62 20.67 -11.68
N ASN A 394 -6.82 20.12 -11.50
CA ASN A 394 -7.85 20.75 -10.69
C ASN A 394 -7.66 20.52 -9.21
N LEU A 395 -6.74 19.63 -8.82
CA LEU A 395 -6.35 19.57 -7.43
C LEU A 395 -5.65 20.87 -7.04
N PRO A 396 -5.80 21.30 -5.79
CA PRO A 396 -5.16 22.54 -5.36
C PRO A 396 -3.66 22.32 -5.15
N PHE A 397 -2.95 23.44 -5.18
CA PHE A 397 -1.52 23.49 -4.89
C PHE A 397 -0.69 22.65 -5.86
N GLN A 398 -1.24 22.33 -7.03
CA GLN A 398 -0.49 21.58 -8.02
C GLN A 398 0.41 22.47 -8.87
N GLN A 399 0.22 23.78 -8.83
CA GLN A 399 1.09 24.69 -9.55
C GLN A 399 2.49 24.66 -8.94
N GLU A 400 3.43 25.28 -9.64
CA GLU A 400 4.75 25.47 -9.06
C GLU A 400 4.64 26.33 -7.81
N ASP A 401 5.47 26.03 -6.81
CA ASP A 401 5.40 26.71 -5.54
C ASP A 401 5.75 28.19 -5.63
N LYS A 402 6.31 28.62 -6.75
CA LYS A 402 6.45 30.05 -7.01
C LYS A 402 5.10 30.75 -7.01
N LEU A 403 4.03 30.03 -7.38
CA LEU A 403 2.70 30.61 -7.51
C LEU A 403 1.82 30.35 -6.29
N ASP A 404 1.78 29.12 -5.80
CA ASP A 404 0.88 28.78 -4.70
C ASP A 404 1.58 28.64 -3.36
N ASN A 405 2.91 28.51 -3.35
CA ASN A 405 3.69 28.37 -2.12
C ASN A 405 3.20 27.20 -1.28
N GLN A 406 2.87 26.09 -1.93
CA GLN A 406 2.31 24.96 -1.19
C GLN A 406 2.61 23.66 -1.93
N ASP A 407 3.50 22.86 -1.37
CA ASP A 407 3.69 21.51 -1.84
C ASP A 407 2.56 20.61 -1.33
N VAL A 408 2.38 19.47 -1.99
CA VAL A 408 1.29 18.55 -1.69
C VAL A 408 1.89 17.19 -1.35
N PHE A 409 1.80 16.79 -0.07
CA PHE A 409 2.04 15.42 0.32
C PHE A 409 0.81 14.78 0.95
N VAL A 410 0.31 15.36 2.06
CA VAL A 410 -0.75 14.72 2.82
C VAL A 410 -2.08 14.81 2.09
N ASN A 411 -2.40 16.00 1.59
CA ASN A 411 -3.60 16.21 0.79
C ASN A 411 -3.18 16.60 -0.62
N PHE A 412 -3.86 16.02 -1.61
CA PHE A 412 -3.64 16.31 -3.03
C PHE A 412 -2.21 16.04 -3.46
N GLY A 413 -1.51 15.17 -2.73
CA GLY A 413 -0.14 14.83 -3.04
C GLY A 413 0.10 13.33 -3.06
N SER A 414 1.36 12.93 -2.85
CA SER A 414 1.71 11.51 -2.94
C SER A 414 1.00 10.71 -1.85
N ALA A 415 1.06 11.19 -0.60
CA ALA A 415 0.46 10.43 0.50
C ALA A 415 -1.05 10.32 0.34
N HIS A 416 -1.70 11.39 -0.11
CA HIS A 416 -3.16 11.36 -0.29
C HIS A 416 -3.55 10.26 -1.27
N VAL A 417 -2.94 10.23 -2.45
CA VAL A 417 -3.32 9.24 -3.45
C VAL A 417 -2.90 7.84 -3.01
N LEU A 418 -1.75 7.72 -2.36
CA LEU A 418 -1.30 6.41 -1.89
C LEU A 418 -2.27 5.83 -0.87
N SER A 419 -2.78 6.67 0.03
CA SER A 419 -3.75 6.19 1.00
C SER A 419 -5.11 5.94 0.37
N LEU A 420 -5.50 6.77 -0.61
CA LEU A 420 -6.82 6.63 -1.22
C LEU A 420 -6.92 5.36 -2.06
N VAL A 421 -5.89 5.11 -2.88
CA VAL A 421 -5.88 3.94 -3.75
C VAL A 421 -5.89 2.65 -2.94
N THR A 422 -5.44 2.70 -1.69
CA THR A 422 -5.41 1.51 -0.85
C THR A 422 -6.63 1.38 0.05
N GLU A 423 -7.21 2.49 0.48
CA GLU A 423 -8.42 2.44 1.29
C GLU A 423 -9.64 2.12 0.44
N VAL A 424 -9.63 2.47 -0.85
CA VAL A 424 -10.75 2.15 -1.71
C VAL A 424 -10.88 0.65 -1.92
N ALA A 425 -9.78 -0.10 -1.77
CA ALA A 425 -9.76 -1.50 -2.14
C ALA A 425 -10.62 -2.33 -1.21
N THR A 426 -10.53 -2.10 0.10
CA THR A 426 -11.32 -2.89 1.04
C THR A 426 -12.81 -2.54 0.96
N ARG A 427 -13.13 -1.28 0.63
CA ARG A 427 -14.53 -0.91 0.46
C ARG A 427 -15.11 -1.59 -0.77
N ALA A 428 -14.39 -1.54 -1.89
CA ALA A 428 -14.82 -2.26 -3.08
C ALA A 428 -14.93 -3.75 -2.79
N LEU A 429 -14.02 -4.28 -1.97
CA LEU A 429 -14.06 -5.69 -1.60
C LEU A 429 -15.31 -6.03 -0.79
N LYS A 430 -15.70 -5.16 0.13
CA LYS A 430 -16.93 -5.40 0.88
C LYS A 430 -18.14 -5.38 -0.04
N ALA A 431 -18.20 -4.42 -0.97
CA ALA A 431 -19.31 -4.38 -1.90
C ALA A 431 -19.35 -5.62 -2.78
N VAL A 432 -18.20 -6.05 -3.28
CA VAL A 432 -18.15 -7.22 -4.13
C VAL A 432 -18.44 -8.48 -3.32
N ARG A 433 -18.07 -8.52 -2.04
CA ARG A 433 -18.40 -9.67 -1.21
C ARG A 433 -19.91 -9.77 -1.02
N TYR A 434 -20.57 -8.63 -0.80
CA TYR A 434 -22.02 -8.64 -0.78
C TYR A 434 -22.58 -9.20 -2.07
N GLN A 435 -22.08 -8.69 -3.20
CA GLN A 435 -22.57 -9.16 -4.50
C GLN A 435 -22.33 -10.65 -4.69
N LYS A 436 -21.15 -11.13 -4.30
CA LYS A 436 -20.82 -12.55 -4.45
C LYS A 436 -21.74 -13.41 -3.60
N PHE A 437 -21.85 -13.09 -2.31
CA PHE A 437 -22.39 -14.04 -1.36
C PHE A 437 -23.88 -13.87 -1.12
N ASN A 438 -24.38 -12.65 -1.02
CA ASN A 438 -25.76 -12.43 -0.64
C ASN A 438 -26.70 -12.30 -1.83
N ILE A 439 -26.18 -11.99 -3.02
CA ILE A 439 -27.01 -11.69 -4.18
C ILE A 439 -26.90 -12.78 -5.24
N HIS A 440 -25.72 -12.95 -5.82
CA HIS A 440 -25.60 -13.73 -7.05
C HIS A 440 -25.19 -15.16 -6.78
N ARG A 441 -24.17 -15.36 -5.94
CA ARG A 441 -23.65 -16.69 -5.64
C ARG A 441 -23.36 -17.47 -6.91
N ARG A 442 -22.83 -16.77 -7.90
CA ARG A 442 -22.57 -17.39 -9.19
C ARG A 442 -21.49 -18.44 -9.06
N LEU A 443 -21.74 -19.60 -9.64
CA LEU A 443 -20.75 -20.67 -9.66
C LEU A 443 -19.48 -20.20 -10.36
N ARG A 444 -18.35 -20.73 -9.89
CA ARG A 444 -17.07 -20.36 -10.45
C ARG A 444 -16.91 -20.95 -11.85
N PRO A 445 -16.08 -20.33 -12.68
CA PRO A 445 -15.84 -20.92 -14.01
C PRO A 445 -15.29 -22.33 -13.96
N GLU A 446 -14.56 -22.69 -12.90
CA GLU A 446 -14.19 -24.09 -12.71
C GLU A 446 -15.43 -24.96 -12.53
N ALA A 447 -16.42 -24.47 -11.77
CA ALA A 447 -17.66 -25.22 -11.59
C ALA A 447 -18.43 -25.33 -12.90
N THR A 448 -18.34 -24.42 -13.77
CA THR A 448 -19.06 -24.37 -15.02
C THR A 448 -18.38 -25.31 -15.98
N GLY A 449 -17.07 -25.31 -15.89
CA GLY A 449 -16.32 -26.30 -16.62
C GLY A 449 -16.58 -27.71 -16.14
N GLY A 450 -16.81 -27.87 -14.84
CA GLY A 450 -17.20 -29.17 -14.31
C GLY A 450 -18.54 -29.62 -14.83
N LEU A 451 -19.52 -28.72 -14.83
CA LEU A 451 -20.84 -29.06 -15.38
C LEU A 451 -20.72 -29.40 -16.86
N ILE A 452 -19.94 -28.62 -17.60
CA ILE A 452 -19.77 -28.86 -19.04
C ILE A 452 -19.07 -30.20 -19.28
N SER A 453 -18.03 -30.49 -18.50
CA SER A 453 -17.31 -31.74 -18.66
C SER A 453 -18.19 -32.94 -18.34
N VAL A 454 -18.96 -32.86 -17.25
CA VAL A 454 -19.81 -33.97 -16.87
C VAL A 454 -20.94 -34.14 -17.89
N ASN A 455 -21.45 -33.03 -18.42
CA ASN A 455 -22.47 -33.10 -19.46
C ASN A 455 -21.93 -33.73 -20.73
N LYS A 456 -20.70 -33.38 -21.12
CA LYS A 456 -20.11 -33.95 -22.32
C LYS A 456 -19.74 -35.43 -22.13
N ILE A 457 -19.39 -35.81 -20.89
CA ILE A 457 -19.03 -37.19 -20.61
C ILE A 457 -20.27 -38.07 -20.51
N ALA A 458 -21.41 -37.49 -20.13
CA ALA A 458 -22.62 -38.27 -19.88
C ALA A 458 -23.06 -39.13 -21.08
N PRO A 459 -23.10 -38.63 -22.31
CA PRO A 459 -23.45 -39.53 -23.43
C PRO A 459 -22.45 -40.66 -23.61
N GLN A 460 -21.18 -40.44 -23.30
CA GLN A 460 -20.18 -41.49 -23.45
C GLN A 460 -20.47 -42.66 -22.52
N LYS A 461 -20.91 -42.38 -21.30
CA LYS A 461 -21.30 -43.42 -20.35
C LYS A 461 -22.78 -43.77 -20.44
N GLY A 462 -23.49 -43.21 -21.41
CA GLY A 462 -24.89 -43.52 -21.64
C GLY A 462 -25.89 -42.66 -20.92
N GLU A 463 -25.44 -41.75 -20.06
CA GLU A 463 -26.33 -40.89 -19.30
C GLU A 463 -26.55 -39.57 -20.03
N SER A 464 -27.27 -38.66 -19.38
CA SER A 464 -27.51 -37.33 -19.93
C SER A 464 -27.81 -36.40 -18.76
N ILE A 465 -26.87 -35.54 -18.41
CA ILE A 465 -26.98 -34.67 -17.25
C ILE A 465 -26.55 -33.26 -17.63
N PHE A 466 -27.01 -32.31 -16.83
CA PHE A 466 -26.75 -30.89 -16.99
C PHE A 466 -27.16 -30.38 -18.37
N PRO A 467 -28.46 -30.39 -18.69
CA PRO A 467 -28.90 -29.78 -19.97
C PRO A 467 -28.73 -28.28 -19.99
N GLU A 468 -28.56 -27.64 -18.84
CA GLU A 468 -28.39 -26.19 -18.81
C GLU A 468 -27.08 -25.74 -19.46
N VAL A 469 -26.08 -26.61 -19.49
CA VAL A 469 -24.83 -26.32 -20.19
C VAL A 469 -24.80 -27.00 -21.56
N ASP A 470 -25.95 -27.48 -22.05
CA ASP A 470 -25.98 -28.12 -23.35
C ASP A 470 -25.60 -27.16 -24.47
N LEU A 471 -26.07 -25.92 -24.40
CA LEU A 471 -25.66 -24.93 -25.39
C LEU A 471 -24.17 -24.65 -25.32
N ALA A 472 -23.63 -24.56 -24.11
CA ALA A 472 -22.18 -24.38 -23.95
C ALA A 472 -21.41 -25.56 -24.52
N VAL A 473 -21.88 -26.78 -24.27
CA VAL A 473 -21.19 -27.96 -24.79
C VAL A 473 -21.24 -27.99 -26.31
N GLU A 474 -22.40 -27.67 -26.89
CA GLU A 474 -22.55 -27.72 -28.34
C GLU A 474 -21.75 -26.63 -29.03
N GLU A 475 -21.82 -25.40 -28.52
CA GLU A 475 -21.18 -24.28 -29.20
C GLU A 475 -19.68 -24.23 -28.98
N LEU A 476 -19.15 -24.98 -28.02
CA LEU A 476 -17.72 -24.98 -27.70
C LEU A 476 -17.08 -26.32 -28.04
N GLY A 477 -17.57 -26.98 -29.10
CA GLY A 477 -17.12 -28.33 -29.40
C GLY A 477 -15.63 -28.41 -29.63
N ASP A 478 -15.10 -27.59 -30.54
CA ASP A 478 -13.68 -27.64 -30.87
C ASP A 478 -12.81 -27.20 -29.69
N ILE A 479 -13.23 -26.14 -29.00
CA ILE A 479 -12.52 -25.72 -27.81
C ILE A 479 -12.53 -26.82 -26.77
N LEU A 480 -13.66 -27.55 -26.65
CA LEU A 480 -13.74 -28.63 -25.69
C LEU A 480 -12.87 -29.83 -26.09
N GLU A 481 -12.74 -30.11 -27.38
CA GLU A 481 -11.82 -31.18 -27.78
C GLU A 481 -10.38 -30.84 -27.46
N LYS A 482 -9.96 -29.60 -27.76
CA LYS A 482 -8.58 -29.26 -27.41
C LYS A 482 -8.39 -29.17 -25.89
N ALA A 483 -9.42 -28.75 -25.16
CA ALA A 483 -9.36 -28.80 -23.71
C ALA A 483 -9.24 -30.23 -23.21
N GLU A 484 -9.94 -31.16 -23.85
CA GLU A 484 -9.82 -32.57 -23.48
C GLU A 484 -8.40 -33.09 -23.75
N ILE A 485 -7.81 -32.68 -24.87
CA ILE A 485 -6.43 -33.09 -25.15
C ILE A 485 -5.48 -32.53 -24.10
N SER A 486 -5.62 -31.24 -23.78
CA SER A 486 -4.76 -30.63 -22.77
C SER A 486 -4.96 -31.26 -21.39
N ASN A 487 -6.21 -31.58 -21.06
CA ASN A 487 -6.49 -32.20 -19.77
C ASN A 487 -5.94 -33.61 -19.70
N ARG A 488 -6.00 -34.35 -20.81
CA ARG A 488 -5.38 -35.67 -20.85
C ARG A 488 -3.88 -35.56 -20.64
N LYS A 489 -3.24 -34.58 -21.30
CA LYS A 489 -1.81 -34.36 -21.10
C LYS A 489 -1.50 -34.04 -19.64
N GLN A 490 -2.28 -33.13 -19.04
CA GLN A 490 -2.05 -32.74 -17.65
C GLN A 490 -2.26 -33.91 -16.69
N ASN A 491 -3.31 -34.71 -16.94
CA ASN A 491 -3.63 -35.80 -16.03
C ASN A 491 -2.67 -36.97 -16.18
N ILE A 492 -2.09 -37.15 -17.38
CA ILE A 492 -0.96 -38.06 -17.51
C ILE A 492 0.23 -37.52 -16.74
N ALA A 493 0.50 -36.22 -16.86
CA ALA A 493 1.53 -35.60 -16.03
C ALA A 493 1.17 -35.66 -14.55
N ASP A 494 -0.12 -35.63 -14.23
CA ASP A 494 -0.55 -35.73 -12.84
C ASP A 494 -0.18 -37.08 -12.24
N GLY A 495 -0.32 -38.15 -13.01
CA GLY A 495 -0.01 -39.48 -12.52
C GLY A 495 -0.94 -40.56 -13.01
N ASP A 496 -2.00 -40.19 -13.73
CA ASP A 496 -2.94 -41.15 -14.27
C ASP A 496 -2.46 -41.60 -15.65
N PRO A 497 -2.05 -42.86 -15.81
CA PRO A 497 -1.56 -43.30 -17.13
C PRO A 497 -2.62 -43.24 -18.22
N ASP A 498 -3.86 -43.58 -17.90
CA ASP A 498 -4.98 -43.56 -18.85
C ASP A 498 -6.12 -42.79 -18.21
N PRO A 499 -6.01 -41.46 -18.13
CA PRO A 499 -7.05 -40.68 -17.46
C PRO A 499 -8.35 -40.68 -18.24
N ASP A 500 -9.45 -40.55 -17.50
CA ASP A 500 -10.76 -40.44 -18.12
C ASP A 500 -10.82 -39.17 -18.97
N PRO A 501 -11.52 -39.21 -20.10
CA PRO A 501 -11.64 -38.00 -20.93
C PRO A 501 -12.27 -36.85 -20.16
N SER A 502 -11.49 -35.79 -19.92
CA SER A 502 -11.90 -34.70 -19.06
C SER A 502 -12.00 -33.41 -19.88
N PHE A 503 -13.14 -32.73 -19.76
CA PHE A 503 -13.35 -31.44 -20.39
C PHE A 503 -13.37 -30.30 -19.38
N LEU A 504 -12.81 -30.54 -18.20
CA LEU A 504 -12.76 -29.52 -17.16
C LEU A 504 -11.94 -28.33 -17.62
N LEU A 505 -12.36 -27.14 -17.20
CA LEU A 505 -11.58 -25.95 -17.49
C LEU A 505 -10.24 -26.06 -16.79
N PRO A 506 -9.13 -26.05 -17.52
CA PRO A 506 -7.81 -26.14 -16.87
C PRO A 506 -7.56 -24.91 -16.00
N MET A 507 -7.11 -25.16 -14.78
CA MET A 507 -6.94 -24.11 -13.79
C MET A 507 -5.47 -23.74 -13.69
N ALA A 508 -5.19 -22.43 -13.77
CA ALA A 508 -3.83 -21.96 -13.50
C ALA A 508 -3.48 -22.08 -12.03
N PHE A 509 -4.47 -22.22 -11.16
CA PHE A 509 -4.27 -22.29 -9.72
C PHE A 509 -4.62 -23.69 -9.23
N ALA A 510 -3.77 -24.23 -8.34
CA ALA A 510 -4.00 -25.57 -7.83
C ALA A 510 -5.30 -25.65 -7.05
N GLU A 511 -5.57 -24.64 -6.21
CA GLU A 511 -6.86 -24.55 -5.55
C GLU A 511 -7.95 -24.03 -6.48
N GLY A 512 -7.60 -23.65 -7.70
CA GLY A 512 -8.57 -23.05 -8.58
C GLY A 512 -8.93 -21.66 -8.12
N SER A 513 -10.23 -21.38 -8.12
CA SER A 513 -10.71 -20.07 -7.71
C SER A 513 -10.55 -19.89 -6.20
N PRO A 514 -10.50 -18.65 -5.74
CA PRO A 514 -10.66 -18.41 -4.29
C PRO A 514 -12.03 -18.86 -3.85
N PHE A 515 -12.17 -19.04 -2.54
CA PHE A 515 -13.31 -19.80 -2.06
C PHE A 515 -14.53 -18.91 -1.87
N HIS A 516 -14.90 -18.15 -2.90
CA HIS A 516 -16.09 -17.33 -2.88
C HIS A 516 -16.71 -17.35 -4.27
N PRO A 517 -17.99 -16.96 -4.40
CA PRO A 517 -18.61 -16.93 -5.73
C PRO A 517 -17.87 -15.98 -6.67
N SER A 518 -18.00 -16.27 -7.96
CA SER A 518 -17.26 -15.56 -9.00
C SER A 518 -17.81 -14.17 -9.29
N TYR A 519 -19.08 -13.90 -9.01
CA TYR A 519 -19.75 -12.69 -9.44
C TYR A 519 -20.19 -11.89 -8.22
N GLY A 520 -19.50 -10.77 -7.96
CA GLY A 520 -18.45 -10.25 -8.82
C GLY A 520 -17.04 -10.66 -8.48
N SER A 521 -16.08 -9.95 -9.05
CA SER A 521 -14.66 -10.23 -8.87
C SER A 521 -14.07 -9.26 -7.87
N GLY A 522 -13.49 -9.79 -6.79
CA GLY A 522 -12.79 -8.94 -5.85
C GLY A 522 -11.60 -8.25 -6.48
N HIS A 523 -10.81 -8.98 -7.27
CA HIS A 523 -9.70 -8.36 -7.97
C HIS A 523 -10.18 -7.30 -8.94
N ALA A 524 -11.25 -7.57 -9.68
CA ALA A 524 -11.73 -6.58 -10.64
C ALA A 524 -12.46 -5.42 -9.97
N VAL A 525 -13.12 -5.67 -8.84
CA VAL A 525 -13.72 -4.55 -8.11
C VAL A 525 -12.64 -3.64 -7.55
N VAL A 526 -11.55 -4.22 -7.04
CA VAL A 526 -10.43 -3.42 -6.56
C VAL A 526 -9.76 -2.72 -7.72
N ALA A 527 -9.68 -3.40 -8.88
CA ALA A 527 -9.18 -2.77 -10.09
C ALA A 527 -9.97 -1.53 -10.42
N GLY A 528 -11.29 -1.67 -10.49
CA GLY A 528 -12.13 -0.53 -10.83
C GLY A 528 -11.98 0.60 -9.84
N ALA A 529 -12.02 0.27 -8.54
CA ALA A 529 -11.95 1.30 -7.51
C ALA A 529 -10.61 2.02 -7.51
N CYS A 530 -9.51 1.25 -7.53
CA CYS A 530 -8.19 1.85 -7.46
C CYS A 530 -7.84 2.61 -8.73
N VAL A 531 -8.21 2.07 -9.89
CA VAL A 531 -7.97 2.79 -11.14
C VAL A 531 -8.81 4.06 -11.20
N THR A 532 -10.02 4.02 -10.65
CA THR A 532 -10.82 5.24 -10.55
C THR A 532 -10.14 6.26 -9.66
N ILE A 533 -9.59 5.81 -8.53
CA ILE A 533 -8.88 6.70 -7.62
C ILE A 533 -7.68 7.33 -8.32
N LEU A 534 -6.93 6.52 -9.07
CA LEU A 534 -5.73 7.02 -9.73
C LEU A 534 -6.07 7.97 -10.88
N LYS A 535 -7.12 7.64 -11.66
CA LYS A 535 -7.53 8.50 -12.75
C LYS A 535 -8.09 9.82 -12.23
N ALA A 536 -8.78 9.78 -11.09
CA ALA A 536 -9.28 11.01 -10.50
C ALA A 536 -8.15 11.85 -9.92
N PHE A 537 -7.19 11.20 -9.26
CA PHE A 537 -6.16 11.93 -8.54
C PHE A 537 -5.07 12.44 -9.47
N PHE A 538 -4.57 11.58 -10.34
CA PHE A 538 -3.54 11.99 -11.28
C PHE A 538 -4.18 12.67 -12.48
N ASP A 539 -3.35 13.41 -13.22
CA ASP A 539 -3.80 13.94 -14.49
C ASP A 539 -3.88 12.77 -15.46
N SER A 540 -5.04 12.12 -15.49
CA SER A 540 -5.17 10.87 -16.23
C SER A 540 -5.08 11.07 -17.74
N GLY A 541 -5.33 12.28 -18.23
CA GLY A 541 -5.17 12.55 -19.64
C GLY A 541 -3.73 12.68 -20.11
N ILE A 542 -2.78 12.74 -19.17
CA ILE A 542 -1.38 12.86 -19.53
C ILE A 542 -0.97 11.70 -20.43
N GLU A 543 -0.31 12.03 -21.54
CA GLU A 543 0.11 11.02 -22.49
C GLU A 543 1.44 10.41 -22.07
N ILE A 544 1.54 9.09 -22.20
CA ILE A 544 2.76 8.36 -21.87
C ILE A 544 3.63 8.35 -23.12
N ASP A 545 4.78 9.05 -23.05
CA ASP A 545 5.63 9.18 -24.23
C ASP A 545 6.31 7.86 -24.58
N GLN A 546 6.78 7.12 -23.58
CA GLN A 546 7.50 5.88 -23.79
C GLN A 546 6.57 4.70 -23.51
N VAL A 547 6.29 3.92 -24.55
CA VAL A 547 5.45 2.73 -24.45
C VAL A 547 6.34 1.51 -24.62
N PHE A 548 6.31 0.61 -23.65
CA PHE A 548 7.19 -0.56 -23.63
C PHE A 548 6.38 -1.84 -23.68
N GLU A 549 6.87 -2.78 -24.47
CA GLU A 549 6.40 -4.17 -24.45
C GLU A 549 7.47 -5.05 -23.81
N VAL A 550 7.04 -6.19 -23.29
CA VAL A 550 7.99 -7.22 -22.92
C VAL A 550 8.57 -7.84 -24.18
N ASP A 551 9.88 -8.01 -24.21
CA ASP A 551 10.55 -8.51 -25.41
C ASP A 551 10.04 -9.90 -25.76
N LYS A 552 9.89 -10.16 -27.06
CA LYS A 552 9.37 -11.44 -27.52
C LYS A 552 10.30 -12.60 -27.23
N ASP A 553 11.59 -12.34 -27.02
CA ASP A 553 12.57 -13.38 -26.74
C ASP A 553 13.16 -13.29 -25.34
N GLU A 554 13.69 -12.14 -24.96
CA GLU A 554 14.39 -11.97 -23.69
C GLU A 554 13.45 -11.43 -22.62
N ASP A 555 13.87 -11.58 -21.36
CA ASP A 555 13.13 -11.04 -20.22
C ASP A 555 13.56 -9.59 -20.02
N LYS A 556 13.02 -8.72 -20.87
CA LYS A 556 13.36 -7.31 -20.82
C LYS A 556 12.25 -6.53 -21.50
N LEU A 557 12.28 -5.21 -21.30
CA LEU A 557 11.32 -4.31 -21.90
C LEU A 557 11.90 -3.70 -23.17
N VAL A 558 11.12 -3.72 -24.24
CA VAL A 558 11.50 -3.10 -25.51
C VAL A 558 10.45 -2.06 -25.86
N LYS A 559 10.87 -1.08 -26.67
CA LYS A 559 9.94 -0.07 -27.14
C LYS A 559 8.88 -0.72 -28.02
N SER A 560 7.62 -0.54 -27.64
CA SER A 560 6.53 -1.19 -28.36
C SER A 560 6.38 -0.62 -29.76
N SER A 561 5.95 -1.48 -30.68
CA SER A 561 5.67 -1.06 -32.05
C SER A 561 4.47 -0.13 -32.13
N PHE A 562 3.70 -0.01 -31.06
CA PHE A 562 2.54 0.87 -31.04
C PHE A 562 2.93 2.30 -31.41
N LYS A 563 2.41 2.77 -32.54
CA LYS A 563 2.73 4.10 -33.04
C LYS A 563 1.73 5.16 -32.60
N GLY A 564 0.73 4.78 -31.82
CA GLY A 564 -0.26 5.71 -31.32
C GLY A 564 0.17 6.37 -30.03
N THR A 565 -0.80 6.95 -29.34
CA THR A 565 -0.57 7.64 -28.08
C THR A 565 -1.28 6.90 -26.95
N LEU A 566 -0.57 6.73 -25.84
CA LEU A 566 -1.13 6.10 -24.64
C LEU A 566 -1.22 7.13 -23.53
N THR A 567 -2.40 7.26 -22.95
CA THR A 567 -2.64 8.19 -21.86
C THR A 567 -2.52 7.48 -20.52
N VAL A 568 -2.38 8.27 -19.47
CA VAL A 568 -2.36 7.70 -18.12
C VAL A 568 -3.68 7.02 -17.82
N ALA A 569 -4.80 7.65 -18.18
CA ALA A 569 -6.11 7.04 -17.99
C ALA A 569 -6.22 5.74 -18.79
N GLY A 570 -5.77 5.77 -20.04
CA GLY A 570 -5.83 4.57 -20.86
C GLY A 570 -5.00 3.44 -20.28
N GLU A 571 -3.82 3.76 -19.76
CA GLU A 571 -2.96 2.71 -19.21
C GLU A 571 -3.44 2.22 -17.86
N LEU A 572 -4.05 3.07 -17.03
CA LEU A 572 -4.66 2.59 -15.81
C LEU A 572 -5.86 1.69 -16.11
N ASN A 573 -6.66 2.07 -17.11
CA ASN A 573 -7.75 1.20 -17.54
C ASN A 573 -7.23 -0.11 -18.08
N LYS A 574 -6.10 -0.07 -18.82
CA LYS A 574 -5.46 -1.28 -19.29
C LYS A 574 -4.94 -2.13 -18.15
N LEU A 575 -4.46 -1.50 -17.07
CA LEU A 575 -3.99 -2.28 -15.92
C LEU A 575 -5.15 -2.96 -15.20
N ALA A 576 -6.27 -2.26 -15.05
CA ALA A 576 -7.46 -2.89 -14.49
C ALA A 576 -7.93 -4.03 -15.38
N ASP A 577 -7.92 -3.81 -16.70
CA ASP A 577 -8.12 -4.85 -17.69
C ASP A 577 -7.18 -6.02 -17.43
N ASN A 578 -5.90 -5.74 -17.24
CA ASN A 578 -4.91 -6.80 -17.11
C ASN A 578 -5.19 -7.66 -15.90
N ILE A 579 -5.49 -7.03 -14.76
CA ILE A 579 -5.74 -7.80 -13.54
C ILE A 579 -7.02 -8.60 -13.65
N ALA A 580 -8.11 -7.96 -14.11
CA ALA A 580 -9.38 -8.66 -14.20
C ALA A 580 -9.33 -9.80 -15.20
N ILE A 581 -8.82 -9.53 -16.39
CA ILE A 581 -8.70 -10.60 -17.37
C ILE A 581 -7.72 -11.65 -16.92
N GLY A 582 -6.63 -11.27 -16.24
CA GLY A 582 -5.73 -12.27 -15.69
C GLY A 582 -6.41 -13.18 -14.68
N ARG A 583 -7.41 -12.64 -13.97
CA ARG A 583 -8.29 -13.51 -13.20
C ARG A 583 -9.04 -14.46 -14.12
N ASN A 584 -9.47 -13.97 -15.28
CA ASN A 584 -10.12 -14.85 -16.25
C ASN A 584 -9.16 -15.94 -16.76
N MET A 585 -7.92 -15.58 -17.06
CA MET A 585 -6.96 -16.51 -17.64
C MET A 585 -6.44 -17.51 -16.62
N ALA A 586 -6.65 -17.24 -15.34
CA ALA A 586 -6.50 -18.26 -14.32
C ALA A 586 -7.65 -19.25 -14.31
N GLY A 587 -8.75 -18.92 -14.98
CA GLY A 587 -9.94 -19.75 -14.96
C GLY A 587 -10.88 -19.47 -13.82
N VAL A 588 -10.58 -18.49 -12.97
CA VAL A 588 -11.33 -18.28 -11.73
C VAL A 588 -12.47 -17.29 -11.88
N HIS A 589 -12.54 -16.57 -12.99
CA HIS A 589 -13.55 -15.53 -13.17
C HIS A 589 -14.00 -15.49 -14.63
N TYR A 590 -15.28 -15.21 -14.82
CA TYR A 590 -15.78 -14.92 -16.15
C TYR A 590 -15.53 -13.45 -16.50
N PHE A 591 -15.67 -13.13 -17.78
CA PHE A 591 -15.46 -11.75 -18.22
C PHE A 591 -16.49 -10.80 -17.64
N SER A 592 -17.76 -11.20 -17.64
CA SER A 592 -18.81 -10.31 -17.14
C SER A 592 -18.63 -10.00 -15.68
N ASP A 593 -18.19 -10.99 -14.89
CA ASP A 593 -17.81 -10.72 -13.50
C ASP A 593 -16.82 -9.57 -13.46
N GLN A 594 -15.80 -9.63 -14.32
CA GLN A 594 -14.75 -8.61 -14.30
C GLN A 594 -15.31 -7.24 -14.65
N PHE A 595 -16.04 -7.14 -15.76
CA PHE A 595 -16.50 -5.83 -16.20
C PHE A 595 -17.49 -5.23 -15.21
N GLU A 596 -18.45 -6.02 -14.75
CA GLU A 596 -19.45 -5.47 -13.84
C GLU A 596 -18.86 -5.14 -12.48
N SER A 597 -17.92 -5.94 -11.99
CA SER A 597 -17.29 -5.58 -10.72
C SER A 597 -16.29 -4.44 -10.89
N LEU A 598 -15.72 -4.26 -12.08
CA LEU A 598 -14.95 -3.05 -12.36
C LEU A 598 -15.83 -1.81 -12.28
N LEU A 599 -17.04 -1.90 -12.85
CA LEU A 599 -17.98 -0.80 -12.71
C LEU A 599 -18.37 -0.57 -11.26
N LEU A 600 -18.57 -1.67 -10.51
CA LEU A 600 -18.89 -1.57 -9.10
C LEU A 600 -17.76 -0.91 -8.32
N GLY A 601 -16.51 -1.24 -8.65
CA GLY A 601 -15.39 -0.61 -8.01
C GLY A 601 -15.27 0.86 -8.35
N GLU A 602 -15.55 1.21 -9.61
CA GLU A 602 -15.59 2.62 -9.98
C GLU A 602 -16.64 3.36 -9.16
N GLN A 603 -17.81 2.74 -8.96
CA GLN A 603 -18.85 3.34 -8.13
C GLN A 603 -18.38 3.50 -6.68
N VAL A 604 -17.71 2.47 -6.14
CA VAL A 604 -17.18 2.54 -4.78
C VAL A 604 -16.21 3.71 -4.65
N ALA A 605 -15.30 3.83 -5.63
CA ALA A 605 -14.30 4.88 -5.60
C ALA A 605 -14.95 6.25 -5.72
N ILE A 606 -15.96 6.38 -6.59
CA ILE A 606 -16.64 7.65 -6.74
C ILE A 606 -17.35 8.06 -5.46
N GLY A 607 -18.03 7.10 -4.82
CA GLY A 607 -18.67 7.39 -3.55
C GLY A 607 -17.68 7.81 -2.48
N ILE A 608 -16.56 7.09 -2.38
CA ILE A 608 -15.53 7.44 -1.42
C ILE A 608 -14.98 8.83 -1.71
N LEU A 609 -14.73 9.13 -2.99
CA LEU A 609 -14.17 10.41 -3.37
C LEU A 609 -15.12 11.57 -3.03
N GLU A 610 -16.40 11.40 -3.34
CA GLU A 610 -17.37 12.44 -2.97
C GLU A 610 -17.45 12.60 -1.47
N GLU A 611 -17.32 11.52 -0.71
CA GLU A 611 -17.41 11.64 0.74
C GLU A 611 -16.16 12.32 1.33
N GLN A 612 -14.97 12.00 0.82
CA GLN A 612 -13.78 12.64 1.35
C GLN A 612 -13.65 14.09 0.89
N SER A 613 -14.28 14.45 -0.23
CA SER A 613 -14.25 15.82 -0.69
C SER A 613 -14.90 16.77 0.31
N LEU A 614 -15.80 16.27 1.14
CA LEU A 614 -16.40 17.07 2.20
C LEU A 614 -15.42 17.38 3.33
N THR A 615 -14.26 16.71 3.35
CA THR A 615 -13.29 16.90 4.42
C THR A 615 -12.26 17.98 4.11
N TYR A 616 -12.15 18.40 2.85
CA TYR A 616 -11.16 19.39 2.44
C TYR A 616 -11.84 20.74 2.26
N GLY A 617 -11.27 21.77 2.89
CA GLY A 617 -11.77 23.11 2.70
C GLY A 617 -11.28 23.80 1.45
N GLU A 618 -10.37 23.17 0.72
CA GLU A 618 -9.84 23.76 -0.49
C GLU A 618 -10.85 23.66 -1.64
N ASN A 619 -10.82 24.65 -2.53
CA ASN A 619 -11.69 24.68 -3.70
C ASN A 619 -11.05 23.81 -4.78
N PHE A 620 -11.57 22.60 -4.94
CA PHE A 620 -10.93 21.63 -5.81
C PHE A 620 -11.93 20.54 -6.20
N PHE A 621 -11.62 19.83 -7.27
CA PHE A 621 -12.35 18.64 -7.64
C PHE A 621 -11.42 17.69 -8.35
N PHE A 622 -11.78 16.40 -8.31
CA PHE A 622 -11.09 15.38 -9.08
C PHE A 622 -11.74 15.29 -10.45
N ASN A 623 -10.95 15.52 -11.50
CA ASN A 623 -11.43 15.26 -12.85
C ASN A 623 -11.30 13.76 -13.07
N LEU A 624 -12.44 13.08 -13.18
CA LEU A 624 -12.46 11.62 -13.15
C LEU A 624 -13.07 11.05 -14.41
N PRO A 625 -12.28 10.56 -15.35
CA PRO A 625 -12.83 9.85 -16.51
C PRO A 625 -13.37 8.50 -16.09
N LYS A 626 -14.68 8.33 -16.19
CA LYS A 626 -15.33 7.08 -15.83
C LYS A 626 -15.06 6.03 -16.91
N PHE A 627 -15.41 4.77 -16.58
CA PHE A 627 -15.26 3.68 -17.53
C PHE A 627 -16.20 3.81 -18.71
N ASP A 628 -17.31 4.52 -18.57
CA ASP A 628 -18.26 4.68 -19.68
C ASP A 628 -17.86 5.78 -20.64
N GLY A 629 -16.74 6.47 -20.40
CA GLY A 629 -16.28 7.52 -21.27
C GLY A 629 -16.59 8.92 -20.79
N THR A 630 -17.52 9.07 -19.86
CA THR A 630 -17.84 10.38 -19.31
C THR A 630 -16.86 10.73 -18.20
N THR A 631 -16.85 12.01 -17.84
CA THR A 631 -16.01 12.53 -16.78
C THR A 631 -16.91 13.10 -15.68
N ILE A 632 -16.64 12.70 -14.44
CA ILE A 632 -17.30 13.27 -13.28
C ILE A 632 -16.29 14.14 -12.54
N GLN A 633 -16.76 15.24 -11.97
CA GLN A 633 -15.93 16.15 -11.20
C GLN A 633 -16.25 15.94 -9.73
N ILE A 634 -15.22 15.69 -8.93
CA ILE A 634 -15.42 15.35 -7.53
C ILE A 634 -14.72 16.33 -6.59
N GLN B 45 -34.24 -2.13 11.01
CA GLN B 45 -34.01 -0.93 10.22
C GLN B 45 -33.48 -1.28 8.83
N SER B 46 -33.48 -0.29 7.95
CA SER B 46 -32.96 -0.49 6.60
C SER B 46 -31.45 -0.66 6.61
N ARG B 47 -30.95 -1.37 5.61
CA ARG B 47 -29.50 -1.51 5.46
C ARG B 47 -28.84 -0.17 5.21
N ALA B 48 -29.46 0.68 4.38
CA ALA B 48 -28.92 2.03 4.19
C ALA B 48 -28.99 2.84 5.48
N LYS B 49 -30.11 2.74 6.20
CA LYS B 49 -30.20 3.41 7.49
C LYS B 49 -29.23 2.81 8.50
N ALA B 50 -29.01 1.50 8.44
CA ALA B 50 -28.04 0.88 9.34
C ALA B 50 -26.63 1.36 9.02
N SER B 51 -26.30 1.52 7.74
CA SER B 51 -24.99 2.06 7.36
C SER B 51 -24.84 3.49 7.85
N PHE B 52 -25.87 4.31 7.65
CA PHE B 52 -25.83 5.68 8.14
C PHE B 52 -25.68 5.71 9.65
N ASP B 53 -26.40 4.85 10.36
CA ASP B 53 -26.33 4.79 11.81
C ASP B 53 -24.95 4.35 12.28
N THR B 54 -24.34 3.38 11.59
CA THR B 54 -23.00 2.94 11.94
C THR B 54 -21.98 4.06 11.73
N ARG B 55 -22.08 4.77 10.60
CA ARG B 55 -21.14 5.85 10.35
C ARG B 55 -21.32 7.00 11.34
N VAL B 56 -22.57 7.35 11.64
CA VAL B 56 -22.84 8.41 12.60
C VAL B 56 -22.46 7.95 14.01
N ALA B 57 -22.54 6.64 14.29
CA ALA B 57 -22.10 6.12 15.58
C ALA B 57 -20.59 6.20 15.71
N ALA B 58 -19.87 5.88 14.65
CA ALA B 58 -18.42 6.07 14.66
C ALA B 58 -18.08 7.55 14.84
N ALA B 59 -18.86 8.43 14.21
CA ALA B 59 -18.67 9.87 14.39
C ALA B 59 -18.93 10.28 15.85
N GLU B 60 -19.99 9.76 16.47
CA GLU B 60 -20.23 10.06 17.88
C GLU B 60 -19.11 9.51 18.76
N LEU B 61 -18.58 8.34 18.42
CA LEU B 61 -17.46 7.78 19.19
C LEU B 61 -16.25 8.68 19.08
N ALA B 62 -15.94 9.17 17.88
CA ALA B 62 -14.83 10.10 17.71
C ALA B 62 -15.07 11.40 18.47
N LEU B 63 -16.30 11.90 18.43
CA LEU B 63 -16.64 13.14 19.14
C LEU B 63 -16.55 12.97 20.65
N ASN B 64 -16.99 11.81 21.15
CA ASN B 64 -17.03 11.55 22.59
C ASN B 64 -15.66 11.30 23.19
N ARG B 65 -14.67 10.91 22.38
CA ARG B 65 -13.30 10.85 22.87
C ARG B 65 -12.80 12.20 23.35
N GLY B 66 -13.45 13.28 22.91
CA GLY B 66 -13.09 14.61 23.32
C GLY B 66 -11.90 15.15 22.55
N VAL B 67 -11.56 16.39 22.85
CA VAL B 67 -10.41 17.05 22.24
C VAL B 67 -9.37 17.23 23.35
N VAL B 68 -8.24 16.54 23.20
CA VAL B 68 -7.10 16.81 24.07
C VAL B 68 -6.53 18.14 23.62
N PRO B 69 -6.50 19.15 24.48
CA PRO B 69 -5.99 20.47 24.06
C PRO B 69 -4.52 20.39 23.69
N SER B 70 -4.16 21.10 22.61
CA SER B 70 -2.81 21.08 22.07
C SER B 70 -2.06 22.32 22.56
N PHE B 71 -1.01 22.10 23.35
CA PHE B 71 -0.21 23.17 23.91
C PHE B 71 1.14 23.22 23.21
N ALA B 72 1.55 24.42 22.82
CA ALA B 72 2.91 24.64 22.36
C ALA B 72 3.81 24.94 23.55
N ASN B 73 5.09 25.16 23.29
CA ASN B 73 6.05 25.41 24.36
C ASN B 73 6.26 26.90 24.64
N GLY B 74 5.53 27.78 23.96
CA GLY B 74 5.69 29.20 24.15
C GLY B 74 6.91 29.80 23.49
N GLU B 75 7.64 29.02 22.69
CA GLU B 75 8.87 29.51 22.07
C GLU B 75 8.57 30.51 20.96
N GLU B 76 7.38 30.42 20.36
CA GLU B 76 7.05 31.24 19.20
C GLU B 76 7.15 32.73 19.53
N LEU B 77 6.63 33.14 20.69
CA LEU B 77 6.60 34.54 21.07
C LEU B 77 7.50 34.88 22.24
N LEU B 78 8.36 33.97 22.68
CA LEU B 78 9.21 34.25 23.83
C LEU B 78 10.54 34.84 23.40
N TYR B 79 11.14 34.29 22.35
CA TYR B 79 12.39 34.82 21.81
C TYR B 79 12.09 36.03 20.94
N ARG B 80 12.77 37.12 21.22
CA ARG B 80 12.50 38.41 20.58
C ARG B 80 13.69 38.83 19.73
N ASN B 81 13.45 39.84 18.91
CA ASN B 81 14.52 40.41 18.10
C ASN B 81 15.61 40.95 19.04
N PRO B 82 16.85 40.51 18.89
CA PRO B 82 17.93 41.06 19.74
C PRO B 82 18.17 42.55 19.52
N ASP B 83 17.68 43.11 18.42
CA ASP B 83 17.78 44.53 18.16
C ASP B 83 17.08 45.29 19.29
N PRO B 84 17.77 46.20 19.99
CA PRO B 84 17.18 46.78 21.22
C PRO B 84 15.84 47.49 21.00
N ASP B 85 15.73 48.36 20.00
CA ASP B 85 14.49 49.08 19.77
C ASP B 85 13.41 48.23 19.11
N ASN B 86 13.75 47.04 18.63
CA ASN B 86 12.80 46.13 18.01
C ASN B 86 12.31 45.15 19.07
N THR B 87 11.01 45.14 19.32
CA THR B 87 10.40 44.26 20.31
C THR B 87 9.66 43.09 19.68
N ASP B 88 9.67 42.97 18.36
CA ASP B 88 8.95 41.90 17.70
C ASP B 88 9.60 40.55 18.01
N PRO B 89 8.84 39.46 17.98
CA PRO B 89 9.45 38.14 18.21
C PRO B 89 10.44 37.81 17.11
N SER B 90 11.51 37.12 17.50
CA SER B 90 12.51 36.67 16.53
C SER B 90 12.04 35.48 15.72
N PHE B 91 11.18 34.62 16.31
CA PHE B 91 10.67 33.41 15.66
C PHE B 91 11.79 32.45 15.29
N ILE B 92 12.90 32.48 16.04
CA ILE B 92 14.04 31.65 15.71
C ILE B 92 13.74 30.18 15.99
N ALA B 93 13.07 29.89 17.11
CA ALA B 93 12.67 28.53 17.42
C ALA B 93 11.45 28.09 16.64
N SER B 94 10.82 28.99 15.90
CA SER B 94 9.67 28.67 15.09
C SER B 94 10.12 28.18 13.73
N PHE B 95 9.35 27.25 13.17
CA PHE B 95 9.62 26.82 11.80
C PHE B 95 9.37 28.01 10.88
N THR B 96 10.45 28.60 10.38
CA THR B 96 10.35 29.79 9.53
C THR B 96 10.88 29.52 8.13
N LYS B 97 11.08 28.25 7.78
CA LYS B 97 11.59 27.90 6.47
C LYS B 97 10.68 28.42 5.36
N GLY B 98 11.28 28.93 4.29
CA GLY B 98 10.53 29.54 3.22
C GLY B 98 10.39 31.04 3.34
N LEU B 99 10.04 31.52 4.53
CA LEU B 99 10.04 32.95 4.77
C LEU B 99 11.46 33.50 4.67
N PRO B 100 11.63 34.68 4.09
CA PRO B 100 12.98 35.21 3.88
C PRO B 100 13.74 35.36 5.19
N HIS B 101 15.01 34.99 5.16
CA HIS B 101 15.87 35.01 6.33
C HIS B 101 17.01 36.00 6.14
N ASP B 102 17.48 36.56 7.24
CA ASP B 102 18.66 37.40 7.23
C ASP B 102 19.90 36.50 7.17
N ASP B 103 21.08 37.11 7.32
CA ASP B 103 22.32 36.36 7.21
C ASP B 103 22.59 35.45 8.39
N ASN B 104 21.80 35.54 9.46
CA ASN B 104 22.06 34.79 10.68
C ASN B 104 21.06 33.66 10.92
N GLY B 105 20.12 33.44 10.01
CA GLY B 105 19.15 32.38 10.15
C GLY B 105 17.80 32.78 10.69
N ALA B 106 17.66 33.99 11.22
CA ALA B 106 16.36 34.50 11.61
C ALA B 106 15.67 35.15 10.41
N ILE B 107 14.36 35.30 10.52
CA ILE B 107 13.60 35.90 9.44
C ILE B 107 13.74 37.42 9.48
N ILE B 108 13.74 38.04 8.31
CA ILE B 108 13.82 39.49 8.23
C ILE B 108 12.57 40.12 8.82
N ASP B 109 11.41 39.60 8.48
CA ASP B 109 10.13 40.21 8.84
C ASP B 109 9.28 39.26 9.66
N PRO B 110 9.04 39.54 10.94
CA PRO B 110 8.11 38.70 11.72
C PRO B 110 6.71 38.68 11.15
N ASP B 111 6.31 39.74 10.45
CA ASP B 111 5.01 39.76 9.77
C ASP B 111 4.91 38.64 8.75
N ASP B 112 6.05 38.24 8.16
CA ASP B 112 6.03 37.13 7.20
C ASP B 112 5.59 35.84 7.89
N PHE B 113 6.19 35.54 9.05
CA PHE B 113 5.78 34.36 9.81
C PHE B 113 4.35 34.49 10.32
N LEU B 114 3.95 35.71 10.71
CA LEU B 114 2.58 35.89 11.19
C LEU B 114 1.56 35.60 10.09
N ALA B 115 1.84 36.07 8.87
CA ALA B 115 0.99 35.75 7.74
C ALA B 115 1.02 34.26 7.43
N PHE B 116 2.19 33.63 7.58
CA PHE B 116 2.30 32.19 7.37
C PHE B 116 1.42 31.43 8.35
N VAL B 117 1.40 31.85 9.63
CA VAL B 117 0.55 31.23 10.63
C VAL B 117 -0.92 31.49 10.31
N ARG B 118 -1.25 32.71 9.89
CA ARG B 118 -2.63 33.03 9.54
C ARG B 118 -3.12 32.16 8.39
N ALA B 119 -2.27 31.96 7.38
CA ALA B 119 -2.62 31.09 6.27
C ALA B 119 -2.74 29.64 6.71
N ILE B 120 -1.89 29.22 7.66
CA ILE B 120 -2.02 27.88 8.24
C ILE B 120 -3.40 27.71 8.85
N ASN B 121 -3.80 28.66 9.69
CA ASN B 121 -5.06 28.53 10.41
C ASN B 121 -6.26 28.62 9.48
N SER B 122 -6.20 29.53 8.50
CA SER B 122 -7.32 29.69 7.57
C SER B 122 -7.38 28.55 6.57
N GLY B 123 -6.22 28.14 6.04
CA GLY B 123 -6.19 27.13 5.01
C GLY B 123 -6.54 27.62 3.62
N ASP B 124 -6.81 28.91 3.46
CA ASP B 124 -7.24 29.42 2.17
C ASP B 124 -6.11 29.34 1.15
N GLU B 125 -6.43 28.84 -0.04
CA GLU B 125 -5.42 28.72 -1.09
C GLU B 125 -4.89 30.08 -1.50
N LYS B 126 -5.77 31.09 -1.57
CA LYS B 126 -5.33 32.44 -1.92
C LYS B 126 -4.38 33.01 -0.88
N GLU B 127 -4.68 32.79 0.40
CA GLU B 127 -3.82 33.34 1.45
C GLU B 127 -2.49 32.60 1.52
N ILE B 128 -2.49 31.29 1.22
CA ILE B 128 -1.24 30.55 1.13
C ILE B 128 -0.41 31.07 -0.05
N ALA B 129 -1.06 31.32 -1.19
CA ALA B 129 -0.35 31.82 -2.36
C ALA B 129 0.13 33.25 -2.14
N ASP B 130 -0.60 34.05 -1.36
CA ASP B 130 -0.18 35.41 -1.08
C ASP B 130 1.00 35.48 -0.12
N LEU B 131 1.36 34.38 0.53
CA LEU B 131 2.51 34.36 1.41
C LEU B 131 3.79 34.61 0.63
N THR B 132 4.71 35.34 1.25
CA THR B 132 6.04 35.55 0.69
C THR B 132 6.87 34.29 0.92
N LEU B 133 7.09 33.53 -0.13
CA LEU B 133 7.88 32.31 -0.06
C LEU B 133 9.19 32.55 -0.80
N GLY B 134 10.29 32.37 -0.08
CA GLY B 134 11.60 32.56 -0.66
C GLY B 134 12.14 33.96 -0.49
N PRO B 135 13.36 34.19 -0.98
CA PRO B 135 13.97 35.52 -0.86
C PRO B 135 13.48 36.47 -1.94
N ALA B 136 14.11 37.65 -2.01
CA ALA B 136 13.82 38.59 -3.09
C ALA B 136 14.13 37.95 -4.44
N ARG B 137 13.36 38.32 -5.44
CA ARG B 137 13.44 37.72 -6.76
C ARG B 137 14.04 38.68 -7.77
N ASP B 138 14.75 38.13 -8.73
CA ASP B 138 15.35 38.93 -9.80
C ASP B 138 14.25 39.47 -10.70
N PRO B 139 14.15 40.79 -10.89
CA PRO B 139 13.13 41.33 -11.79
C PRO B 139 13.29 40.88 -13.23
N GLU B 140 14.50 40.50 -13.63
CA GLU B 140 14.74 40.11 -15.02
C GLU B 140 14.34 38.67 -15.28
N THR B 141 14.98 37.72 -14.58
CA THR B 141 14.73 36.31 -14.82
C THR B 141 13.55 35.77 -14.03
N GLY B 142 13.00 36.54 -13.09
CA GLY B 142 11.91 36.10 -12.26
C GLY B 142 12.30 35.12 -11.17
N LEU B 143 13.58 34.75 -11.07
CA LEU B 143 14.08 33.77 -10.12
C LEU B 143 14.61 34.46 -8.87
N PRO B 144 14.47 33.83 -7.71
CA PRO B 144 14.96 34.45 -6.47
C PRO B 144 16.48 34.48 -6.43
N ILE B 145 17.01 35.53 -5.80
CA ILE B 145 18.44 35.65 -5.60
C ILE B 145 18.81 34.79 -4.40
N TRP B 146 19.59 33.75 -4.65
CA TRP B 146 20.07 32.86 -3.59
C TRP B 146 21.40 33.38 -3.04
N ARG B 147 21.58 33.22 -1.72
CA ARG B 147 22.84 33.63 -1.10
C ARG B 147 23.99 32.79 -1.59
N SER B 148 23.80 31.48 -1.74
CA SER B 148 24.86 30.59 -2.17
C SER B 148 24.96 30.57 -3.70
N ASP B 149 26.19 30.42 -4.18
CA ASP B 149 26.40 30.27 -5.62
C ASP B 149 25.86 28.94 -6.11
N LEU B 150 25.78 27.93 -5.23
CA LEU B 150 25.24 26.64 -5.63
C LEU B 150 23.79 26.77 -6.09
N ALA B 151 22.95 27.41 -5.28
CA ALA B 151 21.54 27.53 -5.62
C ALA B 151 21.30 28.54 -6.73
N ASN B 152 22.19 29.55 -6.87
CA ASN B 152 22.03 30.52 -7.95
C ASN B 152 22.42 29.92 -9.30
N SER B 153 23.49 29.14 -9.33
CA SER B 153 23.90 28.50 -10.58
C SER B 153 22.91 27.43 -11.01
N LEU B 154 22.26 26.76 -10.06
CA LEU B 154 21.22 25.80 -10.38
C LEU B 154 19.92 26.46 -10.83
N GLU B 155 19.83 27.78 -10.73
CA GLU B 155 18.59 28.51 -11.03
C GLU B 155 17.43 27.94 -10.22
N LEU B 156 17.69 27.66 -8.95
CA LEU B 156 16.71 27.00 -8.11
C LEU B 156 15.50 27.89 -7.88
N GLU B 157 14.32 27.30 -7.99
CA GLU B 157 13.08 27.97 -7.63
C GLU B 157 12.71 27.62 -6.20
N VAL B 158 11.72 28.31 -5.67
CA VAL B 158 11.28 28.06 -4.30
C VAL B 158 10.51 26.76 -4.23
N ARG B 159 10.52 26.16 -3.05
CA ARG B 159 9.65 25.03 -2.75
C ARG B 159 8.66 25.44 -1.67
N GLY B 160 7.43 24.97 -1.80
CA GLY B 160 6.37 25.41 -0.93
C GLY B 160 6.24 24.58 0.31
N TRP B 161 5.47 25.10 1.26
CA TRP B 161 5.17 24.34 2.46
C TRP B 161 4.30 23.15 2.10
N GLU B 162 4.67 21.98 2.62
CA GLU B 162 3.98 20.74 2.27
C GLU B 162 2.75 20.60 3.17
N ASN B 163 1.59 20.95 2.62
CA ASN B 163 0.31 20.78 3.29
C ASN B 163 0.25 21.56 4.60
N SER B 164 0.45 22.87 4.47
CA SER B 164 0.46 23.75 5.63
C SER B 164 -0.89 23.80 6.33
N SER B 165 -1.96 23.32 5.67
CA SER B 165 -3.29 23.35 6.24
C SER B 165 -3.96 21.97 6.19
N ALA B 166 -3.17 20.91 6.01
CA ALA B 166 -3.72 19.57 6.05
C ALA B 166 -4.25 19.21 7.44
N GLY B 167 -3.77 19.89 8.49
CA GLY B 167 -4.33 19.71 9.82
C GLY B 167 -5.74 20.22 9.96
N LEU B 168 -6.19 21.06 9.04
CA LEU B 168 -7.58 21.48 9.00
C LEU B 168 -8.47 20.51 8.23
N THR B 169 -7.88 19.54 7.53
CA THR B 169 -8.67 18.55 6.82
C THR B 169 -9.38 17.65 7.81
N PHE B 170 -10.68 17.46 7.60
CA PHE B 170 -11.44 16.57 8.45
C PHE B 170 -11.18 15.13 8.09
N ASP B 171 -11.54 14.23 8.99
CA ASP B 171 -11.28 12.81 8.81
C ASP B 171 -12.59 12.04 8.98
N LEU B 172 -13.07 11.44 7.88
CA LEU B 172 -14.27 10.63 7.95
C LEU B 172 -14.09 9.40 8.84
N GLU B 173 -12.85 9.01 9.10
CA GLU B 173 -12.56 7.81 9.85
C GLU B 173 -11.53 8.14 10.92
N GLY B 174 -11.75 7.67 12.14
CA GLY B 174 -10.80 7.86 13.21
C GLY B 174 -10.84 9.24 13.82
N PRO B 175 -9.88 9.53 14.69
CA PRO B 175 -9.88 10.81 15.38
C PRO B 175 -9.65 11.97 14.43
N ASP B 176 -10.24 13.11 14.77
CA ASP B 176 -9.98 14.33 14.03
C ASP B 176 -8.52 14.74 14.20
N ALA B 177 -7.98 15.43 13.20
CA ALA B 177 -6.60 15.87 13.24
C ALA B 177 -6.33 16.77 14.43
N GLN B 178 -7.34 17.47 14.92
CA GLN B 178 -7.19 18.42 16.02
C GLN B 178 -7.81 17.92 17.33
N SER B 179 -8.33 16.70 17.35
CA SER B 179 -8.88 16.13 18.58
C SER B 179 -7.82 15.52 19.48
N ILE B 180 -6.61 15.30 18.96
CA ILE B 180 -5.54 14.65 19.70
C ILE B 180 -4.37 15.62 19.77
N ALA B 181 -3.65 15.59 20.88
CA ALA B 181 -2.59 16.55 21.15
C ALA B 181 -1.28 15.85 21.41
N MET B 182 -0.26 16.33 20.82
CA MET B 182 1.02 15.90 21.37
C MET B 182 1.57 16.97 22.31
N PRO B 183 2.37 16.57 23.29
CA PRO B 183 2.81 17.52 24.31
C PRO B 183 3.62 18.66 23.71
N PRO B 184 3.85 19.74 24.45
CA PRO B 184 4.70 20.81 23.94
C PRO B 184 6.09 20.29 23.61
N ALA B 185 6.65 20.79 22.51
CA ALA B 185 7.99 20.41 22.14
C ALA B 185 8.99 21.00 23.13
N PRO B 186 10.14 20.35 23.33
CA PRO B 186 11.17 20.94 24.20
C PRO B 186 11.63 22.29 23.66
N VAL B 187 11.95 23.19 24.58
CA VAL B 187 12.39 24.52 24.20
C VAL B 187 13.88 24.50 23.87
N LEU B 188 14.33 25.55 23.17
CA LEU B 188 15.72 25.64 22.76
C LEU B 188 16.66 25.64 23.97
N THR B 189 16.26 26.33 25.05
CA THR B 189 17.07 26.38 26.25
C THR B 189 16.96 25.13 27.10
N SER B 190 16.05 24.22 26.78
CA SER B 190 15.88 23.01 27.57
C SER B 190 17.06 22.06 27.37
N PRO B 191 17.44 21.32 28.41
CA PRO B 191 18.44 20.26 28.23
C PRO B 191 17.98 19.17 27.28
N GLU B 192 16.66 18.98 27.15
CA GLU B 192 16.15 17.99 26.21
C GLU B 192 16.51 18.37 24.77
N LEU B 193 16.38 19.66 24.43
CA LEU B 193 16.75 20.09 23.08
C LEU B 193 18.24 19.91 22.84
N VAL B 194 19.06 20.19 23.85
CA VAL B 194 20.50 19.98 23.72
C VAL B 194 20.79 18.51 23.47
N ALA B 195 20.13 17.63 24.22
CA ALA B 195 20.33 16.19 24.01
C ALA B 195 19.87 15.75 22.62
N GLU B 196 18.73 16.28 22.17
CA GLU B 196 18.22 15.93 20.84
C GLU B 196 19.20 16.36 19.75
N ILE B 197 19.67 17.60 19.81
CA ILE B 197 20.55 18.10 18.77
C ILE B 197 21.92 17.44 18.87
N ALA B 198 22.34 17.05 20.08
CA ALA B 198 23.56 16.27 20.22
C ALA B 198 23.42 14.91 19.55
N GLU B 199 22.31 14.24 19.79
CA GLU B 199 22.02 12.97 19.13
C GLU B 199 22.01 13.14 17.61
N LEU B 200 21.43 14.23 17.13
CA LEU B 200 21.33 14.48 15.70
C LEU B 200 22.71 14.75 15.11
N TYR B 201 23.58 15.46 15.73
CA TYR B 201 24.97 15.86 15.40
C TYR B 201 25.79 14.61 15.42
N LEU B 202 25.66 13.79 16.40
CA LEU B 202 26.27 12.51 16.55
C LEU B 202 25.85 11.54 15.46
N MET B 203 24.59 11.51 14.99
CA MET B 203 24.11 10.71 13.87
C MET B 203 24.69 11.21 12.55
N ALA B 204 24.72 12.53 12.37
CA ALA B 204 25.29 13.09 11.15
C ALA B 204 26.76 12.77 11.02
N LEU B 205 27.50 12.84 12.14
CA LEU B 205 28.91 12.48 12.12
C LEU B 205 29.12 10.97 12.04
N GLY B 206 28.08 10.18 12.24
CA GLY B 206 28.20 8.74 12.16
C GLY B 206 27.32 8.12 11.09
N ARG B 207 27.08 8.85 10.00
CA ARG B 207 26.19 8.35 8.96
C ARG B 207 26.81 7.21 8.18
N GLU B 208 28.14 7.14 8.11
CA GLU B 208 28.82 6.10 7.35
C GLU B 208 29.16 4.89 8.21
N ILE B 209 28.65 4.83 9.43
CA ILE B 209 28.95 3.75 10.36
C ILE B 209 27.79 2.78 10.38
N GLU B 210 28.10 1.50 10.18
CA GLU B 210 27.06 0.50 9.96
C GLU B 210 26.45 0.00 11.27
N PHE B 211 25.18 -0.37 11.18
CA PHE B 211 24.42 -0.80 12.37
C PHE B 211 24.97 -2.10 12.93
N SER B 212 25.44 -3.01 12.08
CA SER B 212 26.00 -4.27 12.53
C SER B 212 27.36 -4.10 13.19
N GLU B 213 27.91 -2.88 13.20
CA GLU B 213 29.24 -2.62 13.73
C GLU B 213 29.23 -1.48 14.74
N PHE B 214 28.12 -1.31 15.47
CA PHE B 214 28.07 -0.31 16.53
C PHE B 214 29.06 -0.63 17.63
N ASP B 215 29.18 -1.89 18.01
CA ASP B 215 30.13 -2.32 19.02
C ASP B 215 31.45 -2.82 18.43
N SER B 216 31.75 -2.45 17.19
CA SER B 216 32.99 -2.92 16.57
C SER B 216 34.14 -1.99 16.89
N PRO B 217 35.36 -2.47 17.09
CA PRO B 217 36.42 -1.56 17.38
C PRO B 217 36.67 -0.48 16.36
N LYS B 218 36.56 -0.73 15.09
CA LYS B 218 36.91 0.32 14.14
C LYS B 218 35.99 1.52 14.27
N ASN B 219 34.76 1.32 14.72
CA ASN B 219 33.85 2.42 15.04
C ASN B 219 33.80 2.69 16.54
N ALA B 220 34.63 2.02 17.32
CA ALA B 220 34.57 2.16 18.78
C ALA B 220 34.89 3.57 19.21
N GLU B 221 35.84 4.23 18.54
CA GLU B 221 36.16 5.61 18.89
C GLU B 221 34.93 6.50 18.77
N TYR B 222 34.19 6.52 17.65
CA TYR B 222 32.95 7.30 17.39
C TYR B 222 31.80 6.84 18.26
N ILE B 223 31.72 5.60 18.56
CA ILE B 223 30.60 5.17 19.40
C ILE B 223 30.83 5.55 20.85
N GLN B 224 32.05 5.36 21.34
CA GLN B 224 32.38 5.77 22.70
C GLN B 224 32.31 7.29 22.84
N PHE B 225 32.73 8.03 21.82
CA PHE B 225 32.58 9.48 21.86
C PHE B 225 31.11 9.88 21.99
N ALA B 226 30.26 9.30 21.15
CA ALA B 226 28.84 9.62 21.18
C ALA B 226 28.23 9.25 22.52
N ILE B 227 28.59 8.09 23.06
CA ILE B 227 28.07 7.64 24.34
C ILE B 227 28.51 8.59 25.44
N ASP B 228 29.78 9.01 25.42
CA ASP B 228 30.29 9.89 26.46
C ASP B 228 29.66 11.27 26.41
N GLN B 229 29.47 11.83 25.20
CA GLN B 229 28.83 13.13 25.11
C GLN B 229 27.36 13.07 25.50
N LEU B 230 26.63 12.06 25.01
CA LEU B 230 25.22 11.94 25.37
C LEU B 230 25.05 11.73 26.87
N ASN B 231 25.86 10.85 27.45
CA ASN B 231 25.81 10.63 28.89
C ASN B 231 26.42 11.78 29.67
N GLY B 232 27.12 12.69 29.01
CA GLY B 232 27.54 13.94 29.61
C GLY B 232 26.47 15.01 29.61
N LEU B 233 25.35 14.76 28.96
CA LEU B 233 24.22 15.68 28.93
C LEU B 233 23.27 15.36 30.07
N GLU B 234 22.84 16.40 30.80
CA GLU B 234 21.98 16.18 31.95
C GLU B 234 20.64 15.57 31.56
N TRP B 235 20.24 15.68 30.30
CA TRP B 235 19.02 15.00 29.87
C TRP B 235 19.16 13.49 29.97
N PHE B 236 20.33 12.96 29.64
CA PHE B 236 20.55 11.52 29.67
C PHE B 236 21.06 11.03 31.02
N ASN B 237 22.02 11.74 31.64
CA ASN B 237 22.58 11.26 32.90
C ASN B 237 21.65 11.53 34.07
N THR B 238 20.96 12.67 34.07
CA THR B 238 20.04 13.00 35.15
C THR B 238 18.64 12.55 34.78
N PRO B 239 17.95 11.80 35.64
CA PRO B 239 16.59 11.36 35.32
C PRO B 239 15.58 12.51 35.49
N ALA B 240 14.36 12.23 35.07
CA ALA B 240 13.29 13.23 35.18
C ALA B 240 12.97 13.49 36.64
N LYS B 241 12.78 14.75 36.98
CA LYS B 241 12.45 15.14 38.35
C LYS B 241 10.93 15.12 38.54
N LEU B 242 10.53 14.98 39.80
CA LEU B 242 9.12 15.00 40.14
C LEU B 242 8.51 16.37 39.84
N GLY B 243 7.30 16.36 39.31
CA GLY B 243 6.65 17.57 38.86
C GLY B 243 6.90 17.92 37.41
N ASP B 244 7.83 17.24 36.75
CA ASP B 244 8.02 17.42 35.33
C ASP B 244 6.81 16.88 34.57
N PRO B 245 6.53 17.41 33.38
CA PRO B 245 5.38 16.93 32.61
C PRO B 245 5.49 15.43 32.34
N PRO B 246 4.39 14.70 32.42
CA PRO B 246 4.47 13.23 32.27
C PRO B 246 5.04 12.80 30.93
N ALA B 247 4.77 13.54 29.86
CA ALA B 247 5.34 13.20 28.56
C ALA B 247 6.86 13.36 28.57
N GLU B 248 7.36 14.38 29.24
CA GLU B 248 8.81 14.54 29.39
C GLU B 248 9.43 13.36 30.11
N ILE B 249 8.78 12.90 31.19
CA ILE B 249 9.28 11.73 31.91
C ILE B 249 9.24 10.50 31.03
N ARG B 250 8.17 10.34 30.26
CA ARG B 250 8.00 9.13 29.44
C ARG B 250 9.01 9.10 28.29
N ARG B 251 9.31 10.25 27.71
CA ARG B 251 10.20 10.31 26.56
C ARG B 251 11.66 10.56 26.93
N ARG B 252 11.97 10.67 28.22
CA ARG B 252 13.35 10.90 28.65
C ARG B 252 14.14 9.61 28.56
N ARG B 253 15.19 9.61 27.74
CA ARG B 253 16.08 8.48 27.66
C ARG B 253 17.10 8.55 28.79
N GLY B 254 17.45 7.39 29.34
CA GLY B 254 18.40 7.35 30.42
C GLY B 254 19.83 7.24 29.97
N GLU B 255 20.56 6.30 30.54
CA GLU B 255 21.98 6.14 30.23
C GLU B 255 22.15 5.50 28.86
N VAL B 256 22.94 6.14 28.01
CA VAL B 256 23.14 5.74 26.62
C VAL B 256 24.28 4.72 26.57
N THR B 257 24.00 3.54 26.03
CA THR B 257 24.98 2.49 25.80
C THR B 257 25.10 2.21 24.32
N VAL B 258 26.01 1.30 23.98
CA VAL B 258 26.16 0.89 22.59
C VAL B 258 24.94 0.12 22.11
N GLY B 259 24.28 -0.62 23.00
CA GLY B 259 23.12 -1.40 22.62
C GLY B 259 21.82 -0.63 22.54
N ASN B 260 21.81 0.62 23.01
CA ASN B 260 20.64 1.48 22.91
C ASN B 260 20.97 2.81 22.26
N LEU B 261 22.19 2.99 21.77
CA LEU B 261 22.56 4.24 21.12
C LEU B 261 21.75 4.42 19.85
N PHE B 262 21.19 5.63 19.69
CA PHE B 262 20.37 5.97 18.53
C PHE B 262 19.14 5.06 18.42
N ARG B 263 18.67 4.55 19.55
CA ARG B 263 17.51 3.68 19.57
C ARG B 263 16.33 4.41 20.20
N GLY B 264 15.13 3.90 19.94
CA GLY B 264 13.93 4.43 20.53
C GLY B 264 13.66 3.83 21.89
N ILE B 265 12.49 4.19 22.42
CA ILE B 265 12.05 3.70 23.72
C ILE B 265 10.79 2.85 23.62
N LEU B 266 10.39 2.48 22.41
CA LEU B 266 9.26 1.58 22.24
C LEU B 266 9.64 0.19 22.75
N PRO B 267 8.69 -0.57 23.29
CA PRO B 267 9.00 -1.93 23.77
C PRO B 267 9.40 -2.83 22.61
N GLY B 268 10.64 -3.32 22.66
CA GLY B 268 11.16 -4.19 21.63
C GLY B 268 12.12 -3.53 20.67
N SER B 269 12.27 -2.21 20.73
CA SER B 269 13.19 -1.49 19.87
C SER B 269 14.58 -1.37 20.48
N GLU B 270 14.82 -2.00 21.62
CA GLU B 270 16.10 -1.92 22.30
C GLU B 270 16.77 -3.28 22.49
N VAL B 271 16.05 -4.38 22.26
CA VAL B 271 16.57 -5.73 22.38
C VAL B 271 16.70 -6.30 20.99
N GLY B 272 17.85 -6.92 20.71
CA GLY B 272 18.11 -7.47 19.40
C GLY B 272 18.92 -6.53 18.53
N PRO B 273 19.06 -6.88 17.26
CA PRO B 273 19.79 -6.01 16.33
C PRO B 273 19.13 -4.65 16.22
N TYR B 274 19.69 -3.60 15.75
CA TYR B 274 19.17 -2.26 15.56
C TYR B 274 18.00 -2.25 14.53
N LEU B 275 18.40 -2.76 13.45
CA LEU B 275 17.35 -2.69 12.44
C LEU B 275 16.31 -3.75 12.70
N SER B 276 15.05 -3.38 12.45
CA SER B 276 13.98 -4.36 12.53
C SER B 276 14.17 -5.44 11.48
N GLN B 277 13.68 -6.64 11.76
CA GLN B 277 13.70 -7.69 10.77
C GLN B 277 12.99 -7.25 9.50
N TYR B 278 11.84 -6.60 9.64
CA TYR B 278 11.00 -6.25 8.50
C TYR B 278 11.62 -5.19 7.62
N ILE B 279 12.60 -4.44 8.11
CA ILE B 279 13.25 -3.42 7.29
C ILE B 279 14.38 -4.00 6.45
N ILE B 280 14.87 -5.20 6.77
CA ILE B 280 15.99 -5.80 6.06
C ILE B 280 15.65 -7.17 5.49
N VAL B 281 14.98 -8.02 6.26
CA VAL B 281 14.75 -9.38 5.80
C VAL B 281 13.63 -9.40 4.78
N GLY B 282 13.61 -10.46 3.98
CA GLY B 282 12.52 -10.67 3.05
C GLY B 282 11.38 -11.41 3.71
N SER B 283 10.82 -12.38 2.99
CA SER B 283 9.70 -13.16 3.51
C SER B 283 9.63 -14.46 2.74
N LYS B 284 8.79 -15.37 3.22
CA LYS B 284 8.47 -16.58 2.49
C LYS B 284 8.06 -16.22 1.07
N GLN B 285 8.75 -16.79 0.10
CA GLN B 285 8.50 -16.47 -1.29
C GLN B 285 7.45 -17.41 -1.87
N ILE B 286 6.89 -17.02 -3.01
CA ILE B 286 5.82 -17.78 -3.64
C ILE B 286 6.31 -19.18 -3.96
N GLY B 287 5.58 -20.18 -3.48
CA GLY B 287 5.92 -21.58 -3.69
C GLY B 287 6.38 -22.30 -2.45
N SER B 288 6.57 -21.60 -1.32
CA SER B 288 7.06 -22.21 -0.10
C SER B 288 5.94 -22.54 0.89
N ALA B 289 4.72 -22.69 0.40
CA ALA B 289 3.57 -22.94 1.27
C ALA B 289 3.53 -24.42 1.70
N THR B 290 2.62 -24.70 2.62
CA THR B 290 2.38 -26.06 3.10
C THR B 290 1.03 -26.54 2.57
N VAL B 291 1.03 -27.68 1.91
CA VAL B 291 -0.17 -28.23 1.27
C VAL B 291 -0.45 -29.56 1.97
N GLY B 292 -1.31 -29.52 2.98
CA GLY B 292 -1.59 -30.69 3.78
C GLY B 292 -0.37 -31.17 4.53
N ASN B 293 0.03 -32.42 4.32
CA ASN B 293 1.22 -32.97 4.94
C ASN B 293 2.49 -32.70 4.13
N LYS B 294 2.36 -32.20 2.92
CA LYS B 294 3.50 -31.93 2.04
C LYS B 294 3.93 -30.49 2.19
N THR B 295 5.23 -30.28 2.39
CA THR B 295 5.81 -28.94 2.55
C THR B 295 6.61 -28.62 1.29
N LEU B 296 5.97 -27.95 0.35
CA LEU B 296 6.67 -27.47 -0.85
C LEU B 296 7.56 -26.29 -0.50
N VAL B 297 8.75 -26.28 -1.10
CA VAL B 297 9.72 -25.21 -0.90
C VAL B 297 9.76 -24.35 -2.14
N SER B 298 9.79 -23.04 -1.95
CA SER B 298 9.89 -22.13 -3.08
C SER B 298 11.25 -22.31 -3.76
N PRO B 299 11.29 -22.35 -5.09
CA PRO B 299 12.60 -22.31 -5.78
C PRO B 299 13.36 -21.02 -5.53
N ASN B 300 12.67 -19.97 -5.09
CA ASN B 300 13.29 -18.69 -4.77
C ASN B 300 13.30 -18.44 -3.27
N ALA B 301 13.30 -19.51 -2.47
CA ALA B 301 13.20 -19.37 -1.02
C ALA B 301 14.37 -18.61 -0.43
N ALA B 302 15.52 -18.61 -1.10
CA ALA B 302 16.66 -17.85 -0.61
C ALA B 302 16.43 -16.35 -0.67
N ASP B 303 15.42 -15.91 -1.43
CA ASP B 303 15.11 -14.48 -1.50
C ASP B 303 14.65 -13.94 -0.14
N GLU B 304 14.06 -14.81 0.70
CA GLU B 304 13.70 -14.38 2.04
C GLU B 304 14.92 -13.88 2.82
N PHE B 305 16.01 -14.64 2.75
CA PHE B 305 17.25 -14.29 3.42
C PHE B 305 18.11 -13.34 2.59
N ASP B 306 17.73 -13.08 1.35
CA ASP B 306 18.38 -12.07 0.53
C ASP B 306 17.75 -10.70 0.68
N GLY B 307 16.71 -10.57 1.50
CA GLY B 307 16.01 -9.32 1.67
C GLY B 307 15.00 -9.03 0.58
N GLU B 308 14.17 -10.02 0.25
CA GLU B 308 13.23 -9.92 -0.85
C GLU B 308 11.85 -10.30 -0.33
N ILE B 309 10.96 -9.31 -0.24
CA ILE B 309 9.61 -9.53 0.26
C ILE B 309 8.74 -10.05 -0.87
N ALA B 310 8.02 -11.13 -0.61
CA ALA B 310 7.05 -11.65 -1.58
C ALA B 310 5.92 -10.65 -1.67
N TYR B 311 5.93 -9.86 -2.74
CA TYR B 311 4.94 -8.80 -2.96
C TYR B 311 3.92 -9.34 -3.95
N GLY B 312 2.98 -10.11 -3.44
CA GLY B 312 2.14 -10.88 -4.34
C GLY B 312 2.99 -11.87 -5.11
N SER B 313 2.82 -11.88 -6.43
CA SER B 313 3.63 -12.71 -7.30
C SER B 313 4.91 -12.02 -7.77
N ILE B 314 5.10 -10.77 -7.40
CA ILE B 314 6.35 -10.06 -7.66
C ILE B 314 7.02 -9.80 -6.33
N THR B 315 8.17 -9.16 -6.34
CA THR B 315 8.98 -9.05 -5.14
C THR B 315 9.32 -7.60 -4.84
N ILE B 316 9.40 -7.29 -3.55
CA ILE B 316 9.96 -6.03 -3.08
C ILE B 316 11.34 -6.32 -2.55
N SER B 317 12.34 -5.60 -3.06
CA SER B 317 13.70 -5.69 -2.55
C SER B 317 13.83 -4.76 -1.36
N GLN B 318 14.37 -5.28 -0.26
CA GLN B 318 14.64 -4.45 0.90
C GLN B 318 15.87 -3.58 0.72
N ARG B 319 16.59 -3.74 -0.38
CA ARG B 319 17.84 -3.02 -0.58
C ARG B 319 17.56 -1.55 -0.90
N VAL B 320 18.16 -0.67 -0.10
CA VAL B 320 17.96 0.77 -0.23
C VAL B 320 18.98 1.32 -1.22
N ARG B 321 18.60 2.38 -1.91
CA ARG B 321 19.55 3.10 -2.75
C ARG B 321 20.68 3.67 -1.89
N ILE B 322 21.92 3.48 -2.34
CA ILE B 322 23.08 3.94 -1.59
C ILE B 322 23.25 5.43 -1.86
N ALA B 323 22.95 6.25 -0.85
CA ALA B 323 23.32 7.65 -0.92
C ALA B 323 24.83 7.79 -0.84
N THR B 324 25.34 8.85 -1.46
CA THR B 324 26.79 9.06 -1.52
C THR B 324 27.36 9.11 -0.11
N PRO B 325 28.20 8.14 0.28
CA PRO B 325 28.76 8.15 1.63
C PRO B 325 29.64 9.36 1.85
N GLY B 326 29.57 9.91 3.07
CA GLY B 326 30.35 11.07 3.42
C GLY B 326 29.88 12.37 2.80
N ARG B 327 28.80 12.34 2.01
CA ARG B 327 28.26 13.53 1.39
C ARG B 327 27.09 14.03 2.23
N ASP B 328 27.29 15.11 2.94
CA ASP B 328 26.25 15.77 3.71
C ASP B 328 25.86 17.08 3.05
N PHE B 329 24.80 17.69 3.56
CA PHE B 329 24.22 18.86 2.91
C PHE B 329 23.93 19.94 3.95
N MET B 330 23.73 21.15 3.44
CA MET B 330 23.61 22.36 4.26
C MET B 330 24.72 22.45 5.30
N THR B 331 25.92 22.42 4.95
CA THR B 331 27.08 22.48 5.84
C THR B 331 27.60 23.85 5.64
N ASP B 332 27.36 24.40 4.50
CA ASP B 332 27.77 25.78 4.28
C ASP B 332 26.60 26.69 4.63
N LEU B 333 26.90 27.81 5.29
CA LEU B 333 25.84 28.67 5.81
C LEU B 333 25.00 29.27 4.68
N LYS B 334 25.62 29.53 3.52
CA LYS B 334 24.88 30.15 2.43
C LYS B 334 23.88 29.17 1.82
N VAL B 335 24.29 27.93 1.57
CA VAL B 335 23.36 26.93 1.09
C VAL B 335 22.27 26.67 2.13
N PHE B 336 22.65 26.62 3.41
CA PHE B 336 21.68 26.43 4.47
C PHE B 336 20.64 27.54 4.48
N LEU B 337 21.08 28.79 4.32
CA LEU B 337 20.15 29.92 4.34
C LEU B 337 19.27 29.93 3.10
N ASP B 338 19.81 29.49 1.95
CA ASP B 338 18.97 29.34 0.77
C ASP B 338 17.90 28.29 0.99
N VAL B 339 18.26 27.17 1.62
CA VAL B 339 17.27 26.15 1.95
C VAL B 339 16.24 26.69 2.93
N GLN B 340 16.68 27.49 3.90
CA GLN B 340 15.76 28.17 4.79
C GLN B 340 14.85 29.12 4.02
N ASP B 341 15.36 29.69 2.93
CA ASP B 341 14.57 30.55 2.04
C ASP B 341 13.93 29.75 0.91
N ALA B 342 13.66 28.46 1.13
CA ALA B 342 12.84 27.62 0.25
C ALA B 342 13.55 27.20 -1.02
N ALA B 343 14.88 27.17 -1.02
CA ALA B 343 15.59 26.68 -2.20
C ALA B 343 15.25 25.21 -2.44
N ASP B 344 14.69 24.92 -3.61
CA ASP B 344 14.24 23.57 -3.95
C ASP B 344 15.47 22.73 -4.29
N PHE B 345 16.03 22.09 -3.26
CA PHE B 345 17.17 21.20 -3.43
C PHE B 345 16.77 19.73 -3.49
N ARG B 346 15.49 19.45 -3.70
CA ARG B 346 15.04 18.07 -3.81
C ARG B 346 15.67 17.39 -5.03
N GLY B 347 16.12 16.16 -4.83
CA GLY B 347 16.74 15.39 -5.89
C GLY B 347 18.19 15.72 -6.15
N PHE B 348 18.75 16.68 -5.42
CA PHE B 348 20.14 17.09 -5.59
C PHE B 348 21.12 16.07 -4.99
N GLU B 349 20.62 15.08 -4.26
CA GLU B 349 21.50 14.05 -3.70
C GLU B 349 22.02 13.14 -4.81
N SER B 350 23.22 12.61 -4.62
CA SER B 350 23.84 11.69 -5.53
C SER B 350 23.88 10.29 -4.93
N TYR B 351 23.90 9.28 -5.80
CA TYR B 351 23.80 7.90 -5.37
C TYR B 351 24.79 7.04 -6.13
N GLU B 352 25.29 6.01 -5.46
CA GLU B 352 26.05 4.96 -6.14
C GLU B 352 25.11 3.99 -6.85
N PRO B 353 25.60 3.35 -7.92
CA PRO B 353 24.75 2.37 -8.63
C PRO B 353 24.35 1.22 -7.72
N GLY B 354 23.18 0.66 -8.01
CA GLY B 354 22.70 -0.50 -7.31
C GLY B 354 21.98 -0.15 -6.01
N ALA B 355 21.64 -1.20 -5.28
CA ALA B 355 20.96 -1.08 -4.00
C ALA B 355 21.52 -2.12 -3.06
N ARG B 356 21.50 -1.81 -1.77
CA ARG B 356 22.04 -2.70 -0.76
C ARG B 356 21.14 -2.67 0.47
N LEU B 357 21.19 -3.75 1.24
CA LEU B 357 20.49 -3.78 2.51
C LEU B 357 21.04 -2.69 3.43
N ILE B 358 20.17 -2.13 4.25
CA ILE B 358 20.57 -1.04 5.14
C ILE B 358 21.70 -1.52 6.04
N ARG B 359 22.87 -0.92 5.88
CA ARG B 359 23.96 -1.16 6.82
C ARG B 359 24.34 0.10 7.57
N THR B 360 24.63 1.20 6.85
CA THR B 360 25.06 2.42 7.50
C THR B 360 23.85 3.24 7.97
N ILE B 361 24.14 4.22 8.84
CA ILE B 361 23.12 5.15 9.30
C ILE B 361 22.58 5.97 8.13
N ARG B 362 23.46 6.37 7.22
CA ARG B 362 23.03 7.07 6.02
C ARG B 362 22.08 6.21 5.18
N ASP B 363 22.23 4.89 5.22
CA ASP B 363 21.31 4.02 4.50
C ASP B 363 19.91 4.11 5.09
N LEU B 364 19.79 4.15 6.41
CA LEU B 364 18.48 4.33 7.03
C LEU B 364 17.91 5.71 6.72
N ALA B 365 18.77 6.73 6.71
CA ALA B 365 18.31 8.07 6.33
C ALA B 365 17.80 8.09 4.90
N THR B 366 18.51 7.43 3.98
CA THR B 366 18.06 7.33 2.60
C THR B 366 16.74 6.57 2.51
N TRP B 367 16.62 5.49 3.28
CA TRP B 367 15.39 4.70 3.29
C TRP B 367 14.20 5.56 3.68
N VAL B 368 14.34 6.34 4.76
CA VAL B 368 13.24 7.20 5.20
C VAL B 368 13.13 8.48 4.38
N HIS B 369 14.09 8.75 3.50
CA HIS B 369 14.00 9.92 2.64
C HIS B 369 12.83 9.83 1.68
N PHE B 370 12.61 8.66 1.10
CA PHE B 370 11.69 8.52 -0.02
C PHE B 370 10.55 7.56 0.24
N ASP B 371 10.52 6.90 1.40
CA ASP B 371 9.54 5.86 1.66
C ASP B 371 8.12 6.36 1.39
N ALA B 372 7.36 5.57 0.64
CA ALA B 372 6.03 5.95 0.18
C ALA B 372 5.05 5.82 1.33
N LEU B 373 5.06 6.85 2.19
CA LEU B 373 4.06 6.99 3.25
C LEU B 373 4.08 5.81 4.22
N TYR B 374 3.47 4.69 3.81
CA TYR B 374 3.31 3.51 4.66
C TYR B 374 4.25 2.38 4.25
N GLU B 375 5.29 2.70 3.46
CA GLU B 375 6.05 1.67 2.77
C GLU B 375 6.73 0.71 3.73
N ALA B 376 7.32 1.22 4.82
CA ALA B 376 7.96 0.34 5.79
C ALA B 376 6.96 -0.63 6.40
N TYR B 377 5.78 -0.13 6.73
CA TYR B 377 4.80 -0.91 7.47
C TYR B 377 3.96 -1.76 6.54
N LEU B 378 3.71 -1.29 5.33
CA LEU B 378 3.15 -2.15 4.30
C LEU B 378 4.11 -3.30 4.00
N ASN B 379 5.41 -3.03 3.95
CA ASN B 379 6.40 -4.07 3.76
C ASN B 379 6.42 -5.05 4.93
N ALA B 380 6.34 -4.52 6.15
CA ALA B 380 6.27 -5.38 7.33
C ALA B 380 5.02 -6.27 7.28
N CYS B 381 3.89 -5.69 6.87
CA CYS B 381 2.66 -6.46 6.73
C CYS B 381 2.81 -7.53 5.67
N LEU B 382 3.45 -7.21 4.54
CA LEU B 382 3.67 -8.20 3.48
C LEU B 382 4.56 -9.33 3.99
N ILE B 383 5.57 -8.99 4.79
CA ILE B 383 6.43 -10.01 5.38
C ILE B 383 5.63 -10.91 6.31
N LEU B 384 4.80 -10.30 7.17
CA LEU B 384 4.02 -11.08 8.13
C LEU B 384 2.96 -11.93 7.43
N LEU B 385 2.48 -11.48 6.27
CA LEU B 385 1.47 -12.23 5.53
C LEU B 385 2.11 -13.37 4.76
N ALA B 386 3.25 -13.09 4.10
CA ALA B 386 3.96 -14.14 3.38
C ALA B 386 4.53 -15.17 4.33
N ASN B 387 5.09 -14.72 5.46
CA ASN B 387 5.59 -15.65 6.47
C ASN B 387 4.47 -16.42 7.15
N GLY B 388 3.22 -16.05 6.91
CA GLY B 388 2.12 -16.70 7.59
C GLY B 388 2.04 -16.41 9.06
N VAL B 389 2.51 -15.25 9.49
CA VAL B 389 2.39 -14.83 10.89
C VAL B 389 0.90 -14.77 11.20
N PRO B 390 0.43 -15.51 12.19
CA PRO B 390 -1.01 -15.54 12.46
C PRO B 390 -1.54 -14.17 12.82
N PHE B 391 -2.76 -13.90 12.38
CA PHE B 391 -3.46 -12.71 12.80
C PHE B 391 -3.74 -12.79 14.31
N ASP B 392 -4.27 -11.70 14.85
CA ASP B 392 -4.64 -11.71 16.25
C ASP B 392 -5.60 -12.86 16.52
N PRO B 393 -5.30 -13.74 17.48
CA PRO B 393 -6.17 -14.91 17.69
C PRO B 393 -7.57 -14.54 18.11
N ASN B 394 -7.78 -13.33 18.63
CA ASN B 394 -9.10 -12.85 18.98
C ASN B 394 -9.86 -12.32 17.76
N LEU B 395 -9.20 -12.17 16.63
CA LEU B 395 -9.93 -11.94 15.39
C LEU B 395 -10.74 -13.18 15.04
N PRO B 396 -11.91 -13.01 14.42
CA PRO B 396 -12.73 -14.16 14.07
C PRO B 396 -12.19 -14.90 12.87
N PHE B 397 -12.60 -16.16 12.76
CA PHE B 397 -12.29 -17.02 11.62
C PHE B 397 -10.79 -17.22 11.45
N GLN B 398 -10.04 -17.17 12.55
CA GLN B 398 -8.61 -17.42 12.48
C GLN B 398 -8.25 -18.87 12.76
N GLN B 399 -9.21 -19.67 13.20
CA GLN B 399 -8.97 -21.09 13.40
C GLN B 399 -8.82 -21.79 12.06
N GLU B 400 -8.47 -23.07 12.11
CA GLU B 400 -8.47 -23.86 10.89
C GLU B 400 -9.88 -23.95 10.34
N ASP B 401 -9.96 -24.08 9.01
CA ASP B 401 -11.25 -24.04 8.34
C ASP B 401 -12.12 -25.24 8.66
N LYS B 402 -11.54 -26.31 9.22
CA LYS B 402 -12.36 -27.43 9.69
C LYS B 402 -13.26 -26.98 10.83
N LEU B 403 -12.80 -26.03 11.65
CA LEU B 403 -13.55 -25.58 12.81
C LEU B 403 -14.47 -24.40 12.50
N ASP B 404 -13.93 -23.36 11.86
CA ASP B 404 -14.70 -22.13 11.64
C ASP B 404 -15.38 -22.08 10.28
N ASN B 405 -14.94 -22.91 9.33
CA ASN B 405 -15.48 -22.92 7.97
C ASN B 405 -15.35 -21.56 7.29
N GLN B 406 -14.31 -20.80 7.60
CA GLN B 406 -14.24 -19.45 7.04
C GLN B 406 -12.80 -19.00 6.94
N ASP B 407 -12.33 -18.76 5.72
CA ASP B 407 -11.11 -18.02 5.50
C ASP B 407 -11.34 -16.53 5.69
N VAL B 408 -10.25 -15.79 5.90
CA VAL B 408 -10.30 -14.36 6.12
C VAL B 408 -9.42 -13.69 5.08
N PHE B 409 -10.05 -12.97 4.14
CA PHE B 409 -9.33 -12.06 3.28
C PHE B 409 -9.83 -10.63 3.40
N VAL B 410 -11.12 -10.39 3.19
CA VAL B 410 -11.66 -9.03 3.16
C VAL B 410 -11.75 -8.47 4.57
N ASN B 411 -12.33 -9.23 5.49
CA ASN B 411 -12.38 -8.86 6.89
C ASN B 411 -11.49 -9.82 7.67
N PHE B 412 -10.71 -9.26 8.60
CA PHE B 412 -9.85 -10.04 9.50
C PHE B 412 -8.81 -10.85 8.73
N GLY B 413 -8.50 -10.45 7.51
CA GLY B 413 -7.57 -11.17 6.67
C GLY B 413 -6.47 -10.29 6.09
N SER B 414 -5.79 -10.77 5.07
CA SER B 414 -4.67 -10.03 4.50
C SER B 414 -5.13 -8.69 3.91
N ALA B 415 -6.25 -8.70 3.18
CA ALA B 415 -6.74 -7.47 2.59
C ALA B 415 -7.15 -6.46 3.66
N HIS B 416 -7.81 -6.95 4.72
CA HIS B 416 -8.23 -6.06 5.80
C HIS B 416 -7.03 -5.35 6.43
N VAL B 417 -5.99 -6.11 6.78
CA VAL B 417 -4.85 -5.51 7.46
C VAL B 417 -4.08 -4.61 6.50
N LEU B 418 -3.96 -5.00 5.22
CA LEU B 418 -3.27 -4.16 4.25
C LEU B 418 -3.98 -2.82 4.10
N SER B 419 -5.30 -2.85 3.92
CA SER B 419 -6.05 -1.62 3.77
C SER B 419 -5.98 -0.78 5.04
N LEU B 420 -6.05 -1.41 6.22
CA LEU B 420 -6.03 -0.66 7.46
C LEU B 420 -4.68 0.01 7.69
N VAL B 421 -3.59 -0.74 7.48
CA VAL B 421 -2.26 -0.20 7.68
C VAL B 421 -1.97 0.89 6.67
N THR B 422 -2.60 0.84 5.49
CA THR B 422 -2.37 1.91 4.53
C THR B 422 -3.27 3.11 4.74
N GLU B 423 -4.46 2.93 5.31
CA GLU B 423 -5.38 4.05 5.50
C GLU B 423 -5.14 4.81 6.81
N VAL B 424 -4.55 4.15 7.81
CA VAL B 424 -4.25 4.86 9.05
C VAL B 424 -3.20 5.94 8.82
N ALA B 425 -2.41 5.80 7.76
CA ALA B 425 -1.24 6.65 7.55
C ALA B 425 -1.65 8.08 7.23
N THR B 426 -2.62 8.26 6.33
CA THR B 426 -3.04 9.61 5.96
C THR B 426 -3.76 10.32 7.09
N ARG B 427 -4.53 9.60 7.89
CA ARG B 427 -5.17 10.20 9.06
C ARG B 427 -4.14 10.63 10.09
N ALA B 428 -3.15 9.78 10.36
CA ALA B 428 -2.06 10.18 11.25
C ALA B 428 -1.33 11.39 10.68
N LEU B 429 -1.16 11.43 9.35
CA LEU B 429 -0.49 12.56 8.72
C LEU B 429 -1.28 13.84 8.89
N LYS B 430 -2.61 13.77 8.78
CA LYS B 430 -3.42 14.96 9.02
C LYS B 430 -3.27 15.44 10.46
N ALA B 431 -3.31 14.51 11.42
CA ALA B 431 -3.12 14.90 12.81
C ALA B 431 -1.76 15.54 13.04
N VAL B 432 -0.72 14.97 12.44
CA VAL B 432 0.63 15.50 12.63
C VAL B 432 0.80 16.81 11.88
N ARG B 433 0.08 17.00 10.77
CA ARG B 433 0.13 18.28 10.07
C ARG B 433 -0.49 19.37 10.92
N TYR B 434 -1.60 19.05 11.59
CA TYR B 434 -2.15 19.98 12.57
C TYR B 434 -1.11 20.31 13.64
N GLN B 435 -0.48 19.28 14.20
CA GLN B 435 0.51 19.50 15.24
C GLN B 435 1.68 20.34 14.73
N LYS B 436 2.13 20.07 13.50
CA LYS B 436 3.24 20.82 12.93
C LYS B 436 2.88 22.28 12.74
N PHE B 437 1.80 22.54 12.01
CA PHE B 437 1.55 23.88 11.48
C PHE B 437 0.70 24.75 12.39
N ASN B 438 -0.31 24.21 13.06
CA ASN B 438 -1.22 25.05 13.82
C ASN B 438 -0.84 25.19 15.29
N ILE B 439 -0.15 24.21 15.86
CA ILE B 439 0.16 24.18 17.29
C ILE B 439 1.61 24.56 17.56
N HIS B 440 2.55 23.75 17.09
CA HIS B 440 3.92 23.80 17.58
C HIS B 440 4.84 24.64 16.69
N ARG B 441 4.83 24.37 15.38
CA ARG B 441 5.65 25.11 14.42
C ARG B 441 7.11 25.11 14.87
N ARG B 442 7.55 23.96 15.38
CA ARG B 442 8.90 23.86 15.89
C ARG B 442 9.90 23.90 14.75
N LEU B 443 10.96 24.68 14.95
CA LEU B 443 12.00 24.79 13.96
C LEU B 443 12.64 23.43 13.69
N ARG B 444 13.07 23.24 12.46
CA ARG B 444 13.69 21.99 12.08
C ARG B 444 15.06 21.84 12.75
N PRO B 445 15.53 20.61 12.94
CA PRO B 445 16.88 20.42 13.50
C PRO B 445 17.96 21.07 12.67
N GLU B 446 17.77 21.19 11.35
CA GLU B 446 18.68 21.97 10.55
C GLU B 446 18.65 23.44 10.97
N ALA B 447 17.46 23.96 11.29
CA ALA B 447 17.37 25.34 11.77
C ALA B 447 18.00 25.50 13.15
N THR B 448 17.96 24.55 14.02
CA THR B 448 18.53 24.50 15.35
C THR B 448 20.05 24.54 15.17
N GLY B 449 20.51 23.68 14.23
CA GLY B 449 21.93 23.69 13.93
C GLY B 449 22.38 25.01 13.33
N GLY B 450 21.51 25.66 12.56
CA GLY B 450 21.83 26.99 12.06
C GLY B 450 21.98 28.01 13.16
N LEU B 451 21.03 28.01 14.10
CA LEU B 451 21.14 28.91 15.25
C LEU B 451 22.38 28.60 16.06
N ILE B 452 22.67 27.32 16.28
CA ILE B 452 23.86 26.93 17.04
C ILE B 452 25.12 27.37 16.34
N SER B 453 25.20 27.16 15.02
CA SER B 453 26.38 27.53 14.26
C SER B 453 26.59 29.03 14.25
N VAL B 454 25.52 29.81 14.06
CA VAL B 454 25.65 31.26 14.06
C VAL B 454 26.04 31.76 15.44
N ASN B 455 25.48 31.15 16.49
CA ASN B 455 25.85 31.51 17.86
C ASN B 455 27.31 31.19 18.14
N LYS B 456 27.83 30.09 17.59
CA LYS B 456 29.23 29.74 17.81
C LYS B 456 30.15 30.64 17.00
N ILE B 457 29.70 31.06 15.82
CA ILE B 457 30.53 31.90 14.94
C ILE B 457 30.55 33.34 15.42
N ALA B 458 29.49 33.78 16.09
CA ALA B 458 29.39 35.19 16.49
C ALA B 458 30.56 35.67 17.35
N PRO B 459 31.01 34.95 18.38
CA PRO B 459 32.19 35.44 19.13
C PRO B 459 33.44 35.53 18.28
N GLN B 460 33.59 34.66 17.28
CA GLN B 460 34.77 34.71 16.41
C GLN B 460 34.81 36.00 15.60
N LYS B 461 33.66 36.48 15.14
CA LYS B 461 33.58 37.73 14.39
C LYS B 461 33.35 38.93 15.29
N GLY B 462 33.32 38.74 16.61
CA GLY B 462 33.19 39.83 17.55
C GLY B 462 31.77 40.18 17.96
N GLU B 463 30.79 39.34 17.64
CA GLU B 463 29.39 39.60 17.93
C GLU B 463 28.86 38.53 18.88
N SER B 464 27.55 38.59 19.11
CA SER B 464 26.86 37.62 19.97
C SER B 464 25.41 37.58 19.56
N ILE B 465 24.93 36.38 19.24
CA ILE B 465 23.56 36.20 18.75
C ILE B 465 23.08 34.81 19.16
N PHE B 466 21.77 34.70 19.37
CA PHE B 466 21.09 33.48 19.77
C PHE B 466 21.60 32.96 21.11
N PRO B 467 21.38 33.68 22.22
CA PRO B 467 21.73 33.15 23.53
C PRO B 467 20.83 32.00 23.98
N GLU B 468 19.72 31.76 23.27
CA GLU B 468 18.83 30.66 23.62
C GLU B 468 19.45 29.31 23.30
N VAL B 469 20.36 29.25 22.32
CA VAL B 469 21.12 28.05 22.05
C VAL B 469 22.50 28.10 22.71
N ASP B 470 22.68 28.98 23.71
CA ASP B 470 23.94 29.04 24.43
C ASP B 470 24.20 27.73 25.19
N LEU B 471 23.15 27.16 25.79
CA LEU B 471 23.32 25.88 26.48
C LEU B 471 23.71 24.77 25.50
N ALA B 472 23.08 24.76 24.32
CA ALA B 472 23.44 23.78 23.30
C ALA B 472 24.88 23.96 22.86
N VAL B 473 25.31 25.21 22.65
CA VAL B 473 26.68 25.47 22.20
C VAL B 473 27.67 25.02 23.26
N GLU B 474 27.42 25.37 24.52
CA GLU B 474 28.35 25.05 25.60
C GLU B 474 28.42 23.55 25.86
N GLU B 475 27.26 22.89 25.91
CA GLU B 475 27.22 21.48 26.27
C GLU B 475 27.63 20.56 25.13
N LEU B 476 27.79 21.09 23.91
CA LEU B 476 28.10 20.28 22.75
C LEU B 476 29.41 20.69 22.10
N GLY B 477 30.36 21.18 22.90
CA GLY B 477 31.60 21.70 22.34
C GLY B 477 32.36 20.68 21.52
N ASP B 478 32.51 19.46 22.04
CA ASP B 478 33.25 18.43 21.32
C ASP B 478 32.49 17.98 20.07
N ILE B 479 31.18 17.74 20.21
CA ILE B 479 30.38 17.37 19.05
C ILE B 479 30.39 18.49 18.03
N LEU B 480 30.32 19.74 18.49
CA LEU B 480 30.32 20.86 17.55
C LEU B 480 31.67 21.03 16.87
N GLU B 481 32.77 20.70 17.54
CA GLU B 481 34.08 20.80 16.88
C GLU B 481 34.25 19.69 15.84
N LYS B 482 33.77 18.49 16.14
CA LYS B 482 33.80 17.43 15.13
C LYS B 482 32.87 17.77 13.97
N ALA B 483 31.72 18.37 14.27
CA ALA B 483 30.82 18.82 13.21
C ALA B 483 31.46 19.92 12.37
N GLU B 484 32.24 20.81 13.00
CA GLU B 484 32.97 21.82 12.26
C GLU B 484 33.99 21.18 11.32
N ILE B 485 34.71 20.17 11.80
CA ILE B 485 35.68 19.49 10.95
C ILE B 485 34.97 18.83 9.76
N SER B 486 33.89 18.12 10.04
CA SER B 486 33.16 17.42 8.97
C SER B 486 32.54 18.41 7.98
N ASN B 487 32.02 19.54 8.50
CA ASN B 487 31.42 20.54 7.63
C ASN B 487 32.48 21.23 6.77
N ARG B 488 33.65 21.49 7.34
CA ARG B 488 34.74 22.04 6.54
C ARG B 488 35.15 21.08 5.44
N LYS B 489 35.23 19.78 5.76
CA LYS B 489 35.55 18.79 4.74
C LYS B 489 34.49 18.77 3.64
N GLN B 490 33.22 18.78 4.03
CA GLN B 490 32.13 18.74 3.05
C GLN B 490 32.12 19.99 2.19
N ASN B 491 32.37 21.16 2.80
CA ASN B 491 32.34 22.41 2.05
C ASN B 491 33.54 22.54 1.14
N ILE B 492 34.68 21.94 1.50
CA ILE B 492 35.77 21.79 0.56
C ILE B 492 35.35 20.90 -0.59
N ALA B 493 34.68 19.79 -0.28
CA ALA B 493 34.11 18.95 -1.33
C ALA B 493 33.02 19.67 -2.09
N ASP B 494 32.30 20.59 -1.42
CA ASP B 494 31.27 21.36 -2.10
C ASP B 494 31.86 22.25 -3.18
N GLY B 495 33.03 22.83 -2.93
CA GLY B 495 33.65 23.71 -3.90
C GLY B 495 34.37 24.91 -3.31
N ASP B 496 34.25 25.09 -1.99
CA ASP B 496 34.92 26.21 -1.33
C ASP B 496 36.28 25.76 -0.85
N PRO B 497 37.38 26.25 -1.42
CA PRO B 497 38.71 25.80 -0.98
C PRO B 497 39.00 26.14 0.48
N ASP B 498 38.54 27.29 0.96
CA ASP B 498 38.73 27.71 2.34
C ASP B 498 37.40 28.16 2.91
N PRO B 499 36.51 27.22 3.21
CA PRO B 499 35.18 27.59 3.69
C PRO B 499 35.23 28.17 5.10
N ASP B 500 34.27 29.05 5.38
CA ASP B 500 34.14 29.59 6.71
C ASP B 500 33.81 28.47 7.70
N PRO B 501 34.31 28.55 8.93
CA PRO B 501 34.00 27.50 9.91
C PRO B 501 32.50 27.40 10.14
N SER B 502 31.95 26.20 10.00
CA SER B 502 30.51 25.99 10.06
C SER B 502 30.20 24.87 11.04
N PHE B 503 29.27 25.13 11.94
CA PHE B 503 28.79 24.14 12.90
C PHE B 503 27.37 23.68 12.55
N LEU B 504 26.98 23.82 11.29
CA LEU B 504 25.66 23.41 10.85
C LEU B 504 25.50 21.90 11.00
N LEU B 505 24.31 21.48 11.40
CA LEU B 505 23.99 20.07 11.43
C LEU B 505 24.10 19.49 10.03
N PRO B 506 25.02 18.57 9.77
CA PRO B 506 25.11 17.98 8.42
C PRO B 506 23.81 17.27 8.08
N MET B 507 23.37 17.46 6.85
CA MET B 507 22.08 16.96 6.39
C MET B 507 22.28 15.77 5.46
N ALA B 508 21.60 14.68 5.75
CA ALA B 508 21.59 13.55 4.81
C ALA B 508 20.91 13.92 3.51
N PHE B 509 19.99 14.88 3.53
CA PHE B 509 19.20 15.26 2.37
C PHE B 509 19.66 16.62 1.86
N ALA B 510 19.70 16.77 0.54
CA ALA B 510 20.14 18.02 -0.06
C ALA B 510 19.21 19.17 0.29
N GLU B 511 17.90 18.93 0.23
CA GLU B 511 16.94 19.89 0.76
C GLU B 511 16.84 19.81 2.27
N GLY B 512 17.50 18.85 2.90
CA GLY B 512 17.37 18.67 4.34
C GLY B 512 15.97 18.21 4.68
N SER B 513 15.31 18.96 5.54
CA SER B 513 14.01 18.56 6.02
C SER B 513 12.94 18.82 4.97
N PRO B 514 11.83 18.07 5.03
CA PRO B 514 10.65 18.47 4.26
C PRO B 514 10.14 19.81 4.75
N PHE B 515 9.34 20.45 3.90
CA PHE B 515 9.02 21.85 4.14
C PHE B 515 7.85 22.01 5.10
N HIS B 516 7.96 21.38 6.27
CA HIS B 516 6.97 21.57 7.33
C HIS B 516 7.71 21.54 8.67
N PRO B 517 7.09 22.07 9.72
CA PRO B 517 7.71 22.01 11.05
C PRO B 517 8.07 20.59 11.46
N SER B 518 9.09 20.48 12.32
CA SER B 518 9.60 19.18 12.74
C SER B 518 8.69 18.47 13.74
N TYR B 519 7.82 19.10 14.49
CA TYR B 519 7.06 18.60 15.62
C TYR B 519 5.51 18.70 15.38
N GLY B 520 4.95 17.67 15.03
CA GLY B 520 5.59 16.37 15.08
C GLY B 520 6.14 15.86 13.78
N SER B 521 6.44 14.56 13.73
CA SER B 521 7.02 13.93 12.57
C SER B 521 5.94 13.17 11.80
N GLY B 522 5.82 13.48 10.51
CA GLY B 522 4.92 12.70 9.67
C GLY B 522 5.32 11.25 9.58
N HIS B 523 6.62 10.99 9.39
CA HIS B 523 7.10 9.62 9.32
C HIS B 523 6.86 8.90 10.65
N ALA B 524 7.12 9.57 11.76
CA ALA B 524 6.94 8.92 13.06
C ALA B 524 5.47 8.71 13.39
N VAL B 525 4.61 9.66 13.02
CA VAL B 525 3.19 9.48 13.25
C VAL B 525 2.65 8.33 12.41
N VAL B 526 3.11 8.24 11.16
CA VAL B 526 2.69 7.13 10.30
C VAL B 526 3.24 5.81 10.83
N ALA B 527 4.48 5.82 11.34
CA ALA B 527 5.03 4.63 11.94
C ALA B 527 4.22 4.17 13.13
N GLY B 528 3.90 5.11 14.03
CA GLY B 528 3.10 4.75 15.19
C GLY B 528 1.74 4.19 14.81
N ALA B 529 1.06 4.87 13.89
CA ALA B 529 -0.27 4.44 13.47
C ALA B 529 -0.22 3.08 12.78
N CYS B 530 0.66 2.91 11.81
CA CYS B 530 0.70 1.69 11.02
C CYS B 530 1.21 0.51 11.84
N VAL B 531 2.22 0.74 12.68
CA VAL B 531 2.72 -0.33 13.54
C VAL B 531 1.69 -0.70 14.59
N THR B 532 0.90 0.28 15.06
CA THR B 532 -0.22 -0.03 15.94
C THR B 532 -1.26 -0.88 15.22
N ILE B 533 -1.55 -0.55 13.96
CA ILE B 533 -2.49 -1.33 13.17
C ILE B 533 -1.98 -2.76 13.02
N LEU B 534 -0.69 -2.92 12.74
CA LEU B 534 -0.12 -4.25 12.54
C LEU B 534 -0.08 -5.04 13.84
N LYS B 535 0.24 -4.39 14.95
CA LYS B 535 0.29 -5.09 16.23
C LYS B 535 -1.10 -5.50 16.69
N ALA B 536 -2.11 -4.67 16.39
CA ALA B 536 -3.48 -5.05 16.71
C ALA B 536 -3.95 -6.19 15.81
N PHE B 537 -3.71 -6.07 14.51
CA PHE B 537 -4.26 -7.04 13.57
C PHE B 537 -3.54 -8.38 13.65
N PHE B 538 -2.22 -8.36 13.69
CA PHE B 538 -1.47 -9.59 13.76
C PHE B 538 -1.35 -10.05 15.21
N ASP B 539 -1.05 -11.34 15.38
CA ASP B 539 -0.71 -11.86 16.70
C ASP B 539 0.69 -11.30 16.99
N SER B 540 0.71 -10.16 17.68
CA SER B 540 1.96 -9.44 17.87
C SER B 540 2.85 -10.09 18.91
N GLY B 541 2.29 -10.96 19.76
CA GLY B 541 3.11 -11.73 20.69
C GLY B 541 3.87 -12.87 20.06
N ILE B 542 3.59 -13.18 18.79
CA ILE B 542 4.29 -14.26 18.11
C ILE B 542 5.78 -13.97 18.09
N GLU B 543 6.57 -14.96 18.49
CA GLU B 543 8.01 -14.80 18.53
C GLU B 543 8.63 -15.14 17.18
N ILE B 544 9.64 -14.36 16.80
CA ILE B 544 10.36 -14.56 15.55
C ILE B 544 11.56 -15.46 15.84
N ASP B 545 11.49 -16.70 15.35
CA ASP B 545 12.56 -17.66 15.62
C ASP B 545 13.86 -17.24 14.93
N GLN B 546 13.78 -16.75 13.69
CA GLN B 546 14.95 -16.38 12.91
C GLN B 546 15.14 -14.86 12.99
N VAL B 547 16.28 -14.44 13.50
CA VAL B 547 16.65 -13.03 13.60
C VAL B 547 17.90 -12.81 12.75
N PHE B 548 17.81 -11.87 11.81
CA PHE B 548 18.90 -11.61 10.88
C PHE B 548 19.47 -10.22 11.07
N GLU B 549 20.78 -10.12 10.89
CA GLU B 549 21.48 -8.85 10.80
C GLU B 549 22.05 -8.71 9.40
N VAL B 550 22.26 -7.47 8.97
CA VAL B 550 23.02 -7.23 7.75
C VAL B 550 24.48 -7.54 8.02
N ASP B 551 25.12 -8.26 7.10
CA ASP B 551 26.48 -8.73 7.31
C ASP B 551 27.44 -7.56 7.46
N LYS B 552 28.47 -7.75 8.28
CA LYS B 552 29.44 -6.69 8.54
C LYS B 552 30.30 -6.37 7.32
N ASP B 553 30.45 -7.31 6.39
CA ASP B 553 31.32 -7.16 5.24
C ASP B 553 30.58 -7.18 3.91
N GLU B 554 29.60 -8.06 3.77
CA GLU B 554 28.89 -8.25 2.51
C GLU B 554 27.47 -7.71 2.61
N ASP B 555 26.91 -7.38 1.44
CA ASP B 555 25.51 -6.94 1.35
C ASP B 555 24.63 -8.18 1.35
N LYS B 556 24.41 -8.72 2.55
CA LYS B 556 23.60 -9.91 2.74
C LYS B 556 23.16 -9.98 4.19
N LEU B 557 22.30 -10.94 4.48
CA LEU B 557 21.77 -11.14 5.82
C LEU B 557 22.45 -12.34 6.48
N VAL B 558 22.95 -12.12 7.69
CA VAL B 558 23.53 -13.17 8.50
C VAL B 558 22.65 -13.38 9.72
N LYS B 559 22.77 -14.57 10.31
CA LYS B 559 22.08 -14.84 11.57
C LYS B 559 22.64 -13.95 12.66
N SER B 560 21.76 -13.15 13.28
CA SER B 560 22.19 -12.21 14.29
C SER B 560 22.71 -12.93 15.53
N SER B 561 23.66 -12.29 16.21
CA SER B 561 24.22 -12.85 17.44
C SER B 561 23.24 -12.80 18.60
N PHE B 562 22.10 -12.12 18.44
CA PHE B 562 21.12 -11.98 19.50
C PHE B 562 20.64 -13.33 20.00
N LYS B 563 20.97 -13.66 21.24
CA LYS B 563 20.56 -14.92 21.85
C LYS B 563 19.19 -14.85 22.51
N GLY B 564 18.60 -13.66 22.58
CA GLY B 564 17.29 -13.49 23.17
C GLY B 564 16.18 -13.82 22.19
N THR B 565 14.96 -13.44 22.57
CA THR B 565 13.78 -13.67 21.76
C THR B 565 13.25 -12.35 21.23
N LEU B 566 12.77 -12.37 19.99
CA LEU B 566 12.18 -11.22 19.35
C LEU B 566 10.76 -11.55 18.94
N THR B 567 9.82 -10.68 19.28
CA THR B 567 8.42 -10.86 18.96
C THR B 567 8.02 -9.98 17.79
N VAL B 568 6.85 -10.30 17.21
CA VAL B 568 6.31 -9.47 16.15
C VAL B 568 6.02 -8.06 16.65
N ALA B 569 5.45 -7.94 17.85
CA ALA B 569 5.23 -6.63 18.44
C ALA B 569 6.55 -5.89 18.62
N GLY B 570 7.55 -6.57 19.18
CA GLY B 570 8.84 -5.94 19.38
C GLY B 570 9.48 -5.52 18.08
N GLU B 571 9.36 -6.36 17.04
CA GLU B 571 9.98 -6.03 15.77
C GLU B 571 9.24 -4.92 15.03
N LEU B 572 7.91 -4.84 15.19
CA LEU B 572 7.18 -3.73 14.60
C LEU B 572 7.50 -2.43 15.34
N ASN B 573 7.64 -2.49 16.66
CA ASN B 573 8.08 -1.32 17.41
C ASN B 573 9.48 -0.92 16.99
N LYS B 574 10.35 -1.91 16.73
CA LYS B 574 11.68 -1.61 16.23
C LYS B 574 11.64 -1.01 14.84
N LEU B 575 10.69 -1.43 14.00
CA LEU B 575 10.55 -0.83 12.67
C LEU B 575 10.11 0.62 12.75
N ALA B 576 9.14 0.91 13.63
CA ALA B 576 8.74 2.29 13.85
C ALA B 576 9.89 3.12 14.40
N ASP B 577 10.63 2.55 15.36
CA ASP B 577 11.89 3.10 15.82
C ASP B 577 12.82 3.40 14.66
N ASN B 578 12.99 2.43 13.76
CA ASN B 578 13.94 2.57 12.67
C ASN B 578 13.55 3.73 11.77
N ILE B 579 12.27 3.84 11.43
CA ILE B 579 11.83 4.91 10.55
C ILE B 579 12.01 6.27 11.23
N ALA B 580 11.54 6.39 12.47
CA ALA B 580 11.60 7.68 13.17
C ALA B 580 13.04 8.11 13.40
N ILE B 581 13.88 7.20 13.87
CA ILE B 581 15.25 7.56 14.14
C ILE B 581 16.06 7.64 12.84
N GLY B 582 15.57 7.06 11.75
CA GLY B 582 16.16 7.35 10.46
C GLY B 582 15.87 8.76 10.02
N ARG B 583 14.69 9.27 10.36
CA ARG B 583 14.42 10.70 10.17
C ARG B 583 15.37 11.54 11.01
N ASN B 584 15.65 11.11 12.24
CA ASN B 584 16.68 11.77 13.04
C ASN B 584 18.07 11.67 12.38
N MET B 585 18.39 10.52 11.80
CA MET B 585 19.67 10.31 11.14
C MET B 585 19.80 11.17 9.90
N ALA B 586 18.67 11.53 9.29
CA ALA B 586 18.68 12.56 8.27
C ALA B 586 19.00 13.93 8.85
N GLY B 587 18.76 14.12 10.14
CA GLY B 587 18.84 15.42 10.75
C GLY B 587 17.59 16.25 10.61
N VAL B 588 16.49 15.67 10.11
CA VAL B 588 15.27 16.42 9.85
C VAL B 588 14.30 16.39 11.02
N HIS B 589 14.55 15.56 12.03
CA HIS B 589 13.66 15.46 13.17
C HIS B 589 14.48 15.29 14.44
N TYR B 590 13.96 15.80 15.55
CA TYR B 590 14.51 15.48 16.84
C TYR B 590 13.87 14.19 17.38
N PHE B 591 14.48 13.64 18.43
CA PHE B 591 13.98 12.41 19.00
C PHE B 591 12.58 12.60 19.60
N SER B 592 12.36 13.71 20.31
CA SER B 592 11.06 13.92 20.93
C SER B 592 9.96 14.06 19.90
N ASP B 593 10.25 14.73 18.77
CA ASP B 593 9.32 14.71 17.66
C ASP B 593 8.92 13.29 17.32
N GLN B 594 9.91 12.40 17.23
CA GLN B 594 9.64 11.03 16.83
C GLN B 594 8.78 10.30 17.84
N PHE B 595 9.15 10.36 19.11
CA PHE B 595 8.44 9.58 20.11
C PHE B 595 7.02 10.09 20.29
N GLU B 596 6.84 11.42 20.35
CA GLU B 596 5.50 11.95 20.51
C GLU B 596 4.65 11.76 19.25
N SER B 597 5.27 11.79 18.07
CA SER B 597 4.51 11.48 16.86
C SER B 597 4.14 10.00 16.81
N LEU B 598 5.01 9.12 17.30
CA LEU B 598 4.65 7.71 17.39
C LEU B 598 3.47 7.50 18.31
N LEU B 599 3.46 8.20 19.46
CA LEU B 599 2.31 8.13 20.36
C LEU B 599 1.05 8.68 19.69
N LEU B 600 1.18 9.80 18.98
CA LEU B 600 0.03 10.37 18.29
C LEU B 600 -0.50 9.42 17.22
N GLY B 601 0.40 8.78 16.48
CA GLY B 601 -0.02 7.81 15.49
C GLY B 601 -0.68 6.60 16.10
N GLU B 602 -0.15 6.13 17.23
CA GLU B 602 -0.82 5.04 17.95
C GLU B 602 -2.23 5.46 18.35
N GLN B 603 -2.41 6.70 18.82
CA GLN B 603 -3.75 7.18 19.14
C GLN B 603 -4.64 7.23 17.91
N VAL B 604 -4.11 7.69 16.78
CA VAL B 604 -4.86 7.72 15.53
C VAL B 604 -5.33 6.32 15.16
N ALA B 605 -4.41 5.35 15.25
CA ALA B 605 -4.72 3.99 14.88
C ALA B 605 -5.75 3.38 15.83
N ILE B 606 -5.63 3.65 17.13
CA ILE B 606 -6.60 3.12 18.08
C ILE B 606 -7.97 3.71 17.80
N GLY B 607 -8.05 5.02 17.55
CA GLY B 607 -9.34 5.62 17.23
C GLY B 607 -9.95 5.04 15.96
N ILE B 608 -9.13 4.86 14.93
CA ILE B 608 -9.60 4.25 13.70
C ILE B 608 -10.10 2.83 13.95
N LEU B 609 -9.37 2.07 14.78
CA LEU B 609 -9.77 0.71 15.09
C LEU B 609 -11.09 0.67 15.84
N GLU B 610 -11.27 1.55 16.83
CA GLU B 610 -12.55 1.59 17.54
C GLU B 610 -13.68 1.92 16.60
N GLU B 611 -13.47 2.89 15.71
CA GLU B 611 -14.55 3.29 14.81
C GLU B 611 -14.84 2.21 13.78
N GLN B 612 -13.83 1.45 13.36
CA GLN B 612 -14.07 0.37 12.41
C GLN B 612 -14.71 -0.84 13.07
N SER B 613 -14.47 -1.05 14.36
CA SER B 613 -15.05 -2.21 15.04
C SER B 613 -16.57 -2.16 15.03
N LEU B 614 -17.15 -0.96 14.96
CA LEU B 614 -18.60 -0.83 14.86
C LEU B 614 -19.13 -1.37 13.53
N THR B 615 -18.29 -1.43 12.50
CA THR B 615 -18.71 -1.83 11.17
C THR B 615 -18.81 -3.35 11.01
N TYR B 616 -18.29 -4.13 11.95
CA TYR B 616 -18.28 -5.58 11.86
C TYR B 616 -19.30 -6.16 12.83
N GLY B 617 -20.11 -7.08 12.33
CA GLY B 617 -21.02 -7.82 13.19
C GLY B 617 -20.40 -8.99 13.91
N GLU B 618 -19.16 -9.32 13.59
CA GLU B 618 -18.47 -10.43 14.24
C GLU B 618 -18.09 -10.06 15.67
N ASN B 619 -18.12 -11.06 16.55
CA ASN B 619 -17.72 -10.90 17.94
C ASN B 619 -16.21 -11.08 18.01
N PHE B 620 -15.47 -9.98 18.05
CA PHE B 620 -14.02 -10.02 18.02
C PHE B 620 -13.47 -8.75 18.61
N PHE B 621 -12.18 -8.78 18.92
CA PHE B 621 -11.45 -7.58 19.30
C PHE B 621 -10.01 -7.72 18.84
N PHE B 622 -9.37 -6.58 18.63
CA PHE B 622 -7.94 -6.54 18.36
C PHE B 622 -7.20 -6.52 19.70
N ASN B 623 -6.30 -7.48 19.89
CA ASN B 623 -5.39 -7.42 21.03
C ASN B 623 -4.24 -6.50 20.63
N LEU B 624 -4.18 -5.33 21.25
CA LEU B 624 -3.27 -4.27 20.81
C LEU B 624 -2.33 -3.85 21.93
N PRO B 625 -1.10 -4.36 21.94
CA PRO B 625 -0.11 -3.85 22.90
C PRO B 625 0.33 -2.44 22.53
N LYS B 626 0.16 -1.50 23.46
CA LYS B 626 0.48 -0.11 23.21
C LYS B 626 1.99 0.12 23.31
N PHE B 627 2.39 1.37 23.07
CA PHE B 627 3.78 1.75 23.26
C PHE B 627 4.11 1.97 24.72
N ASP B 628 3.10 2.04 25.58
CA ASP B 628 3.32 2.25 27.01
C ASP B 628 3.37 0.94 27.79
N GLY B 629 3.27 -0.21 27.10
CA GLY B 629 3.30 -1.50 27.73
C GLY B 629 1.95 -2.12 27.98
N THR B 630 0.89 -1.32 27.98
CA THR B 630 -0.46 -1.83 28.19
C THR B 630 -1.04 -2.37 26.89
N THR B 631 -2.06 -3.19 27.03
CA THR B 631 -2.79 -3.76 25.89
C THR B 631 -4.22 -3.27 25.93
N ILE B 632 -4.69 -2.74 24.80
CA ILE B 632 -6.08 -2.34 24.63
C ILE B 632 -6.76 -3.38 23.74
N GLN B 633 -8.01 -3.67 24.06
CA GLN B 633 -8.81 -4.62 23.30
C GLN B 633 -9.80 -3.82 22.45
N ILE B 634 -9.78 -4.05 21.14
CA ILE B 634 -10.59 -3.24 20.24
C ILE B 634 -11.57 -4.10 19.44
V VO4 C . -12.06 -12.91 -7.50
O1 VO4 C . -13.52 -12.31 -6.93
O2 VO4 C . -11.17 -11.91 -8.50
O3 VO4 C . -11.67 -14.39 -7.24
O4 VO4 C . -10.76 -11.72 -7.15
O1 PER D . -9.85 -14.26 -4.38
O2 PER D . -8.82 -13.98 -4.79
CA CA E . 2.42 23.93 -5.49
O1 PER F . -10.42 -13.58 -1.51
O2 PER F . -9.62 -13.08 -2.12
V VO4 G . 8.96 14.24 9.02
O1 VO4 G . 7.61 15.03 9.64
O2 VO4 G . 9.13 12.61 9.40
O3 VO4 G . 9.78 15.23 8.17
O4 VO4 G . 8.31 12.73 8.24
O1 PER H . 8.24 14.81 5.23
O2 PER H . 8.86 13.98 4.77
O1 PER I . 5.78 15.73 3.77
O2 PER I . 6.08 14.65 3.85
CA CA J . -10.47 -19.78 9.29
#